data_6W8D
#
_entry.id   6W8D
#
_cell.length_a   205.560
_cell.length_b   205.560
_cell.length_c   89.505
_cell.angle_alpha   90.000
_cell.angle_beta   90.000
_cell.angle_gamma   120.000
#
_symmetry.space_group_name_H-M   'H 3'
#
loop_
_entity.id
_entity.type
_entity.pdbx_description
1 polymer 'DNA (cytosine-5)-methyltransferase 3A'
2 polymer 'DNA (cytosine-5)-methyltransferase 3-like'
3 polymer 'CGT DNA (25-MER)'
4 non-polymer S-ADENOSYL-L-HOMOCYSTEINE
5 water water
#
loop_
_entity_poly.entity_id
_entity_poly.type
_entity_poly.pdbx_seq_one_letter_code
_entity_poly.pdbx_strand_id
1 'polypeptide(L)'
;AEKRKPIRVLSLFDGIATGLLVLKDLGIQVDRYIASEVCEDSITVGMVRHQGKIMYVGDVRSVTQKHIQEWGPFDLVIGG
SPCNDLSIVNPARKGLYEGTGRLFFEFYRLLHDARPKEGDDRPFFWLFENVVAMGVSDKRDISRFLESNPVMIDAKEVSA
AHRARYFWGNLPGMNRPLASTVNDKLELQECLEHGRIAKFSKVRTITTRSNSIKQGKDQHFPVFMNEKEDILWCTEMERV
FGFPVHYTDVSNMSHLARQRLLGRSWSVPVIRHLFAPLKEYFACV
;
A,D
2 'polypeptide(L)'
;MFETVPVWRRQPVRVLSLFEDIKKELTSLGFLESGSDPGQLKHVVDVTDTVRKDVEEWGPFDLVYGATPPLGHTCDRPPS
WYLFQFHRLLQYARPKPGSPRPFFWMFVDNLVLNKEDLDVASRFLEMEPVTIPDVHGGSLQNAVRVWSNIPAIRSRHWAL
VSEEELSLLAQNKQSSKLAAKWPTKLVKNCFLPLREYFKYFSTELTSSL
;
B,C
3 'polydeoxyribonucleotide'
;(DG)(DC)(DA)(DT)(DG)(PYO)(DG)(DT)(DT)(DC)(DT)(DA)(DA)(DT)(DT)(DA)(DG)(DA)(DA)
(DC)(DG)(DC)(DA)(DT)(DG)
;
E,F
#
loop_
_chem_comp.id
_chem_comp.type
_chem_comp.name
_chem_comp.formula
DA DNA linking 2'-DEOXYADENOSINE-5'-MONOPHOSPHATE 'C10 H14 N5 O6 P'
DC DNA linking 2'-DEOXYCYTIDINE-5'-MONOPHOSPHATE 'C9 H14 N3 O7 P'
DG DNA linking 2'-DEOXYGUANOSINE-5'-MONOPHOSPHATE 'C10 H14 N5 O7 P'
DT DNA linking THYMIDINE-5'-MONOPHOSPHATE 'C10 H15 N2 O8 P'
PYO RNA linking 1-(BETA-D-RIBOFURANOSYL)-PYRIMIDIN-2-ONE-5'-PHOSPHATE 'C9 H13 N2 O8 P'
SAH non-polymer S-ADENOSYL-L-HOMOCYSTEINE 'C14 H20 N6 O5 S'
#
# COMPACT_ATOMS: atom_id res chain seq x y z
N GLU A 2 4.59 -45.08 11.01
CA GLU A 2 3.25 -45.63 11.18
C GLU A 2 2.18 -44.65 10.71
N LYS A 3 2.11 -43.51 11.39
CA LYS A 3 1.17 -42.46 11.06
C LYS A 3 1.90 -41.33 10.33
N ARG A 4 1.14 -40.56 9.55
CA ARG A 4 1.73 -39.44 8.83
C ARG A 4 2.08 -38.32 9.80
N LYS A 5 3.29 -37.78 9.64
CA LYS A 5 3.80 -36.77 10.54
C LYS A 5 3.86 -35.40 9.85
N PRO A 6 3.63 -34.32 10.60
CA PRO A 6 3.69 -32.99 9.98
C PRO A 6 5.08 -32.66 9.44
N ILE A 7 5.10 -31.81 8.44
CA ILE A 7 6.29 -31.59 7.61
C ILE A 7 7.20 -30.55 8.26
N ARG A 8 8.51 -30.78 8.15
CA ARG A 8 9.52 -29.85 8.62
C ARG A 8 10.25 -29.27 7.42
N VAL A 9 10.24 -27.94 7.31
CA VAL A 9 10.66 -27.25 6.09
C VAL A 9 11.77 -26.25 6.42
N LEU A 10 12.74 -26.16 5.51
CA LEU A 10 13.74 -25.10 5.50
C LEU A 10 13.58 -24.34 4.19
N SER A 11 13.31 -23.04 4.29
CA SER A 11 13.11 -22.19 3.12
C SER A 11 14.22 -21.14 3.08
N LEU A 12 15.01 -21.16 2.02
CA LEU A 12 16.10 -20.22 1.84
C LEU A 12 15.68 -19.15 0.85
N PHE A 13 16.03 -17.90 1.17
CA PHE A 13 15.55 -16.74 0.40
C PHE A 13 14.02 -16.79 0.34
N ASP A 14 13.41 -16.86 1.53
CA ASP A 14 11.99 -17.17 1.63
C ASP A 14 11.13 -16.13 0.91
N GLY A 15 11.54 -14.86 0.95
CA GLY A 15 10.75 -13.81 0.38
C GLY A 15 9.51 -13.51 1.20
N ILE A 16 8.32 -13.69 0.61
CA ILE A 16 7.07 -13.43 1.31
C ILE A 16 6.38 -14.73 1.68
N ALA A 17 7.17 -15.77 1.95
CA ALA A 17 6.67 -17.02 2.53
C ALA A 17 5.67 -17.71 1.59
N THR A 18 5.91 -17.61 0.28
CA THR A 18 5.08 -18.31 -0.68
C THR A 18 5.03 -19.81 -0.39
N GLY A 19 6.16 -20.40 0.02
CA GLY A 19 6.19 -21.82 0.28
C GLY A 19 5.30 -22.24 1.42
N LEU A 20 5.19 -21.40 2.44
CA LEU A 20 4.27 -21.70 3.53
C LEU A 20 2.83 -21.46 3.11
N LEU A 21 2.60 -20.49 2.22
CA LEU A 21 1.23 -20.20 1.79
C LEU A 21 0.58 -21.41 1.14
N VAL A 22 1.32 -22.15 0.33
CA VAL A 22 0.74 -23.27 -0.40
C VAL A 22 0.70 -24.54 0.44
N LEU A 23 1.67 -24.76 1.33
CA LEU A 23 1.58 -25.87 2.27
C LEU A 23 0.35 -25.74 3.14
N LYS A 24 -0.02 -24.52 3.50
CA LYS A 24 -1.25 -24.29 4.25
C LYS A 24 -2.48 -24.57 3.40
N ASP A 25 -2.51 -24.05 2.18
CA ASP A 25 -3.68 -24.21 1.32
C ASP A 25 -3.84 -25.64 0.81
N LEU A 26 -2.84 -26.49 1.01
CA LEU A 26 -2.95 -27.91 0.69
C LEU A 26 -3.31 -28.75 1.92
N GLY A 27 -3.65 -28.13 3.03
CA GLY A 27 -3.99 -28.87 4.22
C GLY A 27 -2.85 -29.60 4.87
N ILE A 28 -1.62 -29.42 4.37
CA ILE A 28 -0.46 -30.06 4.97
C ILE A 28 -0.16 -29.40 6.31
N GLN A 29 -0.07 -30.21 7.36
CA GLN A 29 0.34 -29.71 8.66
C GLN A 29 1.84 -29.51 8.68
N VAL A 30 2.28 -28.36 9.20
CA VAL A 30 3.68 -27.96 9.20
C VAL A 30 4.18 -27.96 10.64
N ASP A 31 5.13 -28.85 10.94
CA ASP A 31 5.77 -28.83 12.24
C ASP A 31 6.58 -27.55 12.44
N ARG A 32 7.54 -27.30 11.55
CA ARG A 32 8.34 -26.09 11.61
C ARG A 32 8.64 -25.61 10.21
N TYR A 33 8.69 -24.29 10.05
CA TYR A 33 9.02 -23.63 8.79
C TYR A 33 10.09 -22.58 9.11
N ILE A 34 11.34 -22.93 8.86
CA ILE A 34 12.47 -22.07 9.16
C ILE A 34 12.91 -21.37 7.89
N ALA A 35 12.96 -20.04 7.94
CA ALA A 35 13.21 -19.22 6.77
C ALA A 35 14.46 -18.37 6.96
N SER A 36 15.27 -18.29 5.92
CA SER A 36 16.42 -17.40 5.87
C SER A 36 16.08 -16.27 4.89
N GLU A 37 16.09 -15.04 5.40
CA GLU A 37 15.69 -13.86 4.65
C GLU A 37 16.31 -12.67 5.36
N VAL A 38 16.57 -11.60 4.61
CA VAL A 38 17.16 -10.39 5.18
C VAL A 38 16.36 -9.13 4.90
N CYS A 39 15.49 -9.11 3.89
CA CYS A 39 14.67 -7.94 3.62
C CYS A 39 13.60 -7.80 4.69
N GLU A 40 13.60 -6.67 5.40
CA GLU A 40 12.67 -6.53 6.51
C GLU A 40 11.24 -6.39 6.03
N ASP A 41 11.03 -5.86 4.82
CA ASP A 41 9.69 -5.88 4.24
C ASP A 41 9.24 -7.31 3.95
N SER A 42 10.16 -8.12 3.41
CA SER A 42 9.86 -9.54 3.19
C SER A 42 9.47 -10.22 4.50
N ILE A 43 10.26 -10.00 5.55
CA ILE A 43 10.04 -10.68 6.82
C ILE A 43 8.73 -10.26 7.44
N THR A 44 8.37 -8.98 7.30
CA THR A 44 7.14 -8.48 7.91
C THR A 44 5.90 -9.13 7.29
N VAL A 45 5.91 -9.34 5.98
CA VAL A 45 4.78 -10.03 5.34
C VAL A 45 4.62 -11.42 5.92
N GLY A 46 5.71 -12.19 5.98
CA GLY A 46 5.64 -13.53 6.52
C GLY A 46 5.32 -13.56 8.01
N MET A 47 5.81 -12.56 8.76
CA MET A 47 5.48 -12.50 10.19
C MET A 47 4.00 -12.22 10.41
N VAL A 48 3.43 -11.30 9.63
CA VAL A 48 2.04 -10.93 9.81
C VAL A 48 1.11 -12.00 9.23
N ARG A 49 1.39 -12.43 8.00
CA ARG A 49 0.49 -13.32 7.28
C ARG A 49 0.53 -14.76 7.77
N HIS A 50 1.42 -15.09 8.72
CA HIS A 50 1.42 -16.45 9.26
C HIS A 50 1.55 -16.46 10.78
N GLN A 51 1.31 -15.33 11.44
CA GLN A 51 1.07 -15.26 12.89
C GLN A 51 2.26 -15.80 13.68
N GLY A 52 3.47 -15.47 13.24
CA GLY A 52 4.68 -15.87 13.95
C GLY A 52 5.03 -17.33 13.84
N LYS A 53 4.46 -18.06 12.88
CA LYS A 53 4.79 -19.47 12.72
C LYS A 53 6.21 -19.66 12.22
N ILE A 54 6.71 -18.72 11.43
CA ILE A 54 7.99 -18.89 10.75
C ILE A 54 9.13 -18.59 11.71
N MET A 55 10.10 -19.50 11.75
CA MET A 55 11.35 -19.27 12.48
C MET A 55 12.34 -18.59 11.53
N TYR A 56 12.57 -17.29 11.76
CA TYR A 56 13.48 -16.51 10.93
C TYR A 56 14.89 -16.59 11.48
N VAL A 57 15.87 -16.79 10.59
CA VAL A 57 17.24 -17.08 11.01
C VAL A 57 18.25 -16.16 10.32
N GLY A 58 17.76 -15.05 9.75
CA GLY A 58 18.67 -14.04 9.25
C GLY A 58 19.41 -14.44 7.98
N ASP A 59 20.59 -13.85 7.81
CA ASP A 59 21.41 -14.07 6.63
C ASP A 59 21.73 -15.56 6.45
N VAL A 60 21.61 -16.05 5.22
CA VAL A 60 21.87 -17.45 4.94
C VAL A 60 23.35 -17.78 5.12
N ARG A 61 24.24 -16.82 4.86
CA ARG A 61 25.66 -17.04 5.06
C ARG A 61 26.03 -17.17 6.53
N SER A 62 25.06 -17.03 7.43
CA SER A 62 25.25 -17.24 8.86
C SER A 62 24.68 -18.56 9.33
N VAL A 63 24.16 -19.39 8.42
CA VAL A 63 23.60 -20.69 8.76
C VAL A 63 24.72 -21.72 8.73
N THR A 64 25.05 -22.27 9.89
CA THR A 64 26.07 -23.30 9.99
C THR A 64 25.45 -24.70 9.82
N GLN A 65 26.31 -25.69 9.64
CA GLN A 65 25.85 -27.08 9.68
C GLN A 65 25.26 -27.40 11.04
N LYS A 66 25.97 -27.04 12.11
CA LYS A 66 25.46 -27.27 13.47
C LYS A 66 24.08 -26.67 13.63
N HIS A 67 23.82 -25.52 13.00
CA HIS A 67 22.48 -24.96 13.02
C HIS A 67 21.49 -25.88 12.30
N ILE A 68 21.91 -26.44 11.15
CA ILE A 68 21.03 -27.33 10.41
C ILE A 68 20.77 -28.61 11.20
N GLN A 69 21.81 -29.16 11.83
CA GLN A 69 21.61 -30.34 12.66
C GLN A 69 20.73 -30.02 13.87
N GLU A 70 20.96 -28.85 14.48
CA GLU A 70 20.14 -28.44 15.63
C GLU A 70 18.69 -28.23 15.21
N TRP A 71 18.46 -27.44 14.15
CA TRP A 71 17.11 -27.05 13.79
C TRP A 71 16.35 -28.20 13.14
N GLY A 72 17.04 -29.07 12.40
CA GLY A 72 16.41 -30.15 11.68
C GLY A 72 15.92 -31.25 12.59
N PRO A 73 15.65 -32.44 12.03
CA PRO A 73 15.77 -32.77 10.61
C PRO A 73 14.70 -32.11 9.74
N PHE A 74 15.04 -31.85 8.48
CA PHE A 74 14.14 -31.19 7.53
C PHE A 74 13.69 -32.20 6.49
N ASP A 75 12.37 -32.24 6.25
CA ASP A 75 11.81 -33.09 5.23
C ASP A 75 11.76 -32.41 3.86
N LEU A 76 11.79 -31.08 3.84
CA LEU A 76 11.65 -30.32 2.60
C LEU A 76 12.57 -29.11 2.65
N VAL A 77 13.34 -28.91 1.58
CA VAL A 77 14.26 -27.78 1.46
C VAL A 77 13.95 -27.07 0.16
N ILE A 78 13.59 -25.79 0.24
CA ILE A 78 13.16 -25.02 -0.92
C ILE A 78 13.80 -23.65 -0.90
N GLY A 79 14.07 -23.12 -2.08
CA GLY A 79 14.67 -21.80 -2.18
C GLY A 79 14.78 -21.34 -3.61
N GLY A 80 14.90 -20.03 -3.75
CA GLY A 80 15.21 -19.38 -5.01
C GLY A 80 16.11 -18.18 -4.77
N SER A 81 17.38 -18.30 -5.11
CA SER A 81 18.36 -17.27 -4.77
C SER A 81 18.26 -16.09 -5.73
N PRO A 82 18.72 -14.90 -5.31
CA PRO A 82 18.65 -13.73 -6.18
C PRO A 82 19.19 -14.00 -7.58
N CYS A 83 18.50 -13.45 -8.58
CA CYS A 83 18.88 -13.62 -9.97
C CYS A 83 19.34 -12.31 -10.61
N ASN A 84 19.45 -11.24 -9.83
CA ASN A 84 19.77 -9.93 -10.40
C ASN A 84 21.20 -9.85 -10.93
N ASP A 85 22.04 -10.84 -10.63
CA ASP A 85 23.34 -10.98 -11.28
C ASP A 85 23.37 -12.15 -12.26
N LEU A 86 22.25 -12.85 -12.43
CA LEU A 86 22.13 -13.93 -13.40
C LEU A 86 21.18 -13.61 -14.54
N SER A 87 20.20 -12.75 -14.30
CA SER A 87 19.23 -12.39 -15.34
C SER A 87 19.90 -11.51 -16.38
N ILE A 88 19.87 -11.95 -17.65
CA ILE A 88 20.48 -11.19 -18.73
C ILE A 88 19.84 -9.82 -18.90
N VAL A 89 18.67 -9.59 -18.29
CA VAL A 89 18.00 -8.29 -18.37
C VAL A 89 18.87 -7.19 -17.76
N ASN A 90 19.75 -7.55 -16.83
CA ASN A 90 20.67 -6.58 -16.22
C ASN A 90 21.94 -6.52 -17.08
N PRO A 91 22.22 -5.40 -17.73
CA PRO A 91 23.47 -5.30 -18.52
C PRO A 91 24.72 -5.37 -17.67
N ALA A 92 24.61 -5.12 -16.36
CA ALA A 92 25.74 -5.15 -15.45
C ALA A 92 25.76 -6.40 -14.58
N ARG A 93 25.27 -7.52 -15.10
CA ARG A 93 25.21 -8.75 -14.32
C ARG A 93 26.62 -9.26 -14.01
N LYS A 94 26.89 -9.49 -12.73
CA LYS A 94 28.21 -9.90 -12.27
C LYS A 94 28.42 -11.41 -12.31
N GLY A 95 27.39 -12.18 -12.68
CA GLY A 95 27.55 -13.61 -12.88
C GLY A 95 27.31 -14.44 -11.65
N LEU A 96 27.37 -15.76 -11.85
CA LEU A 96 27.11 -16.71 -10.79
C LEU A 96 28.18 -16.69 -9.69
N TYR A 97 29.37 -16.19 -9.98
CA TYR A 97 30.48 -16.32 -9.06
C TYR A 97 30.80 -15.05 -8.29
N GLU A 98 30.15 -13.94 -8.62
CA GLU A 98 30.31 -12.70 -7.87
C GLU A 98 28.97 -12.10 -7.53
N GLY A 99 28.96 -10.90 -6.94
CA GLY A 99 27.71 -10.23 -6.63
C GLY A 99 26.83 -11.08 -5.74
N THR A 100 25.54 -11.15 -6.08
CA THR A 100 24.60 -12.03 -5.39
C THR A 100 24.39 -13.34 -6.13
N GLY A 101 25.01 -13.53 -7.30
CA GLY A 101 24.95 -14.83 -7.94
C GLY A 101 25.56 -15.92 -7.08
N ARG A 102 26.66 -15.61 -6.39
CA ARG A 102 27.32 -16.57 -5.51
C ARG A 102 26.42 -17.02 -4.36
N LEU A 103 25.31 -16.33 -4.12
CA LEU A 103 24.39 -16.75 -3.07
C LEU A 103 23.72 -18.08 -3.37
N PHE A 104 23.77 -18.53 -4.63
CA PHE A 104 23.24 -19.85 -4.96
C PHE A 104 24.02 -20.95 -4.23
N PHE A 105 25.34 -20.79 -4.13
CA PHE A 105 26.17 -21.82 -3.50
C PHE A 105 25.84 -21.99 -2.03
N GLU A 106 25.34 -20.94 -1.37
CA GLU A 106 24.86 -21.10 0.00
C GLU A 106 23.68 -22.06 0.05
N PHE A 107 22.84 -22.06 -0.99
CA PHE A 107 21.78 -23.05 -1.09
C PHE A 107 22.35 -24.44 -1.31
N TYR A 108 23.23 -24.58 -2.30
CA TYR A 108 23.89 -25.86 -2.55
C TYR A 108 24.61 -26.34 -1.30
N ARG A 109 25.18 -25.41 -0.53
CA ARG A 109 25.86 -25.78 0.70
C ARG A 109 24.89 -26.34 1.73
N LEU A 110 23.82 -25.59 2.01
CA LEU A 110 22.87 -26.00 3.05
C LEU A 110 22.05 -27.22 2.63
N LEU A 111 21.75 -27.37 1.34
CA LEU A 111 21.08 -28.58 0.88
C LEU A 111 21.91 -29.82 1.16
N HIS A 112 23.22 -29.75 0.89
CA HIS A 112 24.12 -30.85 1.23
C HIS A 112 24.11 -31.12 2.72
N ASP A 113 24.19 -30.07 3.53
CA ASP A 113 24.20 -30.23 4.99
C ASP A 113 22.91 -30.89 5.48
N ALA A 114 21.78 -30.62 4.84
CA ALA A 114 20.48 -31.09 5.31
C ALA A 114 20.10 -32.45 4.77
N ARG A 115 20.84 -32.99 3.81
CA ARG A 115 20.53 -34.31 3.29
C ARG A 115 20.77 -35.36 4.37
N PRO A 116 19.91 -36.38 4.45
CA PRO A 116 20.13 -37.45 5.44
C PRO A 116 21.36 -38.27 5.11
N LYS A 117 21.90 -38.91 6.13
CA LYS A 117 23.11 -39.72 5.98
C LYS A 117 22.83 -40.92 5.08
N GLU A 118 23.91 -41.56 4.66
CA GLU A 118 23.81 -42.71 3.77
C GLU A 118 23.03 -43.83 4.43
N GLY A 119 22.26 -44.57 3.61
CA GLY A 119 21.43 -45.64 4.12
C GLY A 119 20.19 -45.20 4.85
N ASP A 120 19.97 -43.90 5.02
CA ASP A 120 18.80 -43.36 5.70
C ASP A 120 17.72 -43.14 4.65
N ASP A 121 16.83 -44.12 4.50
CA ASP A 121 15.79 -44.06 3.48
C ASP A 121 14.69 -43.06 3.81
N ARG A 122 14.83 -42.28 4.88
CA ARG A 122 13.82 -41.31 5.27
C ARG A 122 13.48 -40.39 4.10
N PRO A 123 12.21 -40.16 3.81
CA PRO A 123 11.84 -39.30 2.68
C PRO A 123 12.37 -37.89 2.85
N PHE A 124 12.78 -37.29 1.73
CA PHE A 124 13.44 -35.99 1.74
C PHE A 124 13.28 -35.36 0.37
N PHE A 125 12.74 -34.15 0.32
CA PHE A 125 12.46 -33.47 -0.93
C PHE A 125 13.13 -32.11 -0.96
N TRP A 126 13.45 -31.65 -2.17
CA TRP A 126 14.07 -30.35 -2.33
C TRP A 126 13.64 -29.74 -3.66
N LEU A 127 13.65 -28.41 -3.71
CA LEU A 127 13.27 -27.66 -4.90
C LEU A 127 14.10 -26.39 -4.97
N PHE A 128 14.60 -26.09 -6.17
CA PHE A 128 15.32 -24.85 -6.40
C PHE A 128 14.83 -24.20 -7.69
N GLU A 129 14.51 -22.91 -7.61
CA GLU A 129 13.98 -22.15 -8.73
C GLU A 129 14.94 -21.03 -9.09
N ASN A 130 15.06 -20.75 -10.38
CA ASN A 130 15.66 -19.52 -10.88
C ASN A 130 15.16 -19.29 -12.30
N VAL A 131 15.69 -18.26 -12.94
CA VAL A 131 15.15 -17.75 -14.19
C VAL A 131 15.71 -18.52 -15.38
N VAL A 132 15.01 -18.40 -16.51
CA VAL A 132 15.45 -19.02 -17.75
C VAL A 132 16.33 -18.07 -18.57
N ALA A 133 16.11 -16.77 -18.45
CA ALA A 133 16.91 -15.76 -19.14
C ALA A 133 18.24 -15.55 -18.41
N MET A 134 18.98 -16.63 -18.20
CA MET A 134 20.32 -16.58 -17.63
C MET A 134 21.31 -17.10 -18.65
N GLY A 135 22.60 -16.99 -18.32
CA GLY A 135 23.63 -17.48 -19.20
C GLY A 135 23.58 -19.00 -19.35
N VAL A 136 23.97 -19.46 -20.53
CA VAL A 136 24.02 -20.91 -20.76
C VAL A 136 25.11 -21.55 -19.92
N SER A 137 26.15 -20.79 -19.59
CA SER A 137 27.21 -21.32 -18.72
C SER A 137 26.80 -21.26 -17.26
N ASP A 138 26.10 -20.19 -16.85
CA ASP A 138 25.56 -20.14 -15.50
C ASP A 138 24.53 -21.23 -15.29
N LYS A 139 23.75 -21.56 -16.32
CA LYS A 139 22.81 -22.67 -16.21
C LYS A 139 23.56 -24.01 -16.11
N ARG A 140 24.61 -24.18 -16.89
CA ARG A 140 25.39 -25.41 -16.84
C ARG A 140 25.95 -25.67 -15.44
N ASP A 141 26.46 -24.61 -14.80
CA ASP A 141 27.13 -24.80 -13.51
C ASP A 141 26.14 -25.14 -12.40
N ILE A 142 24.97 -24.50 -12.40
CA ILE A 142 23.98 -24.76 -11.35
C ILE A 142 23.51 -26.20 -11.41
N SER A 143 23.25 -26.71 -12.61
CA SER A 143 22.83 -28.11 -12.74
C SER A 143 23.95 -29.06 -12.35
N ARG A 144 25.20 -28.67 -12.62
CA ARG A 144 26.34 -29.49 -12.19
C ARG A 144 26.46 -29.50 -10.67
N PHE A 145 26.18 -28.37 -10.03
CA PHE A 145 26.32 -28.29 -8.58
C PHE A 145 25.18 -28.97 -7.84
N LEU A 146 24.01 -29.09 -8.48
CA LEU A 146 22.89 -29.80 -7.89
C LEU A 146 22.72 -31.21 -8.44
N GLU A 147 23.50 -31.58 -9.46
CA GLU A 147 23.55 -32.94 -10.00
C GLU A 147 22.24 -33.37 -10.66
N SER A 148 21.48 -32.41 -11.17
CA SER A 148 20.22 -32.72 -11.85
C SER A 148 19.88 -31.55 -12.77
N ASN A 149 19.25 -31.87 -13.90
CA ASN A 149 18.80 -30.86 -14.83
C ASN A 149 17.47 -30.26 -14.37
N PRO A 150 17.16 -29.05 -14.80
CA PRO A 150 15.91 -28.41 -14.38
C PRO A 150 14.75 -28.76 -15.31
N VAL A 151 13.55 -28.42 -14.86
CA VAL A 151 12.36 -28.43 -15.70
C VAL A 151 11.89 -26.99 -15.85
N MET A 152 11.56 -26.61 -17.08
CA MET A 152 11.01 -25.28 -17.34
C MET A 152 9.49 -25.32 -17.22
N ILE A 153 8.94 -24.38 -16.45
CA ILE A 153 7.49 -24.20 -16.35
C ILE A 153 7.18 -22.72 -16.44
N ASP A 154 6.31 -22.36 -17.37
CA ASP A 154 5.82 -21.00 -17.51
C ASP A 154 4.46 -20.87 -16.84
N ALA A 155 4.32 -19.90 -15.95
CA ALA A 155 3.08 -19.70 -15.21
C ALA A 155 1.89 -19.32 -16.11
N LYS A 156 2.13 -19.03 -17.38
CA LYS A 156 1.01 -18.67 -18.26
C LYS A 156 0.03 -19.81 -18.42
N GLU A 157 0.48 -21.05 -18.25
CA GLU A 157 -0.43 -22.20 -18.34
C GLU A 157 -1.38 -22.28 -17.16
N VAL A 158 -1.06 -21.60 -16.04
CA VAL A 158 -1.87 -21.71 -14.84
C VAL A 158 -2.18 -20.33 -14.29
N SER A 159 -1.88 -19.29 -15.07
CA SER A 159 -2.12 -17.92 -14.61
C SER A 159 -2.24 -17.01 -15.82
N ALA A 160 -2.44 -15.72 -15.55
CA ALA A 160 -2.56 -14.70 -16.58
C ALA A 160 -1.24 -13.97 -16.83
N ALA A 161 -0.11 -14.58 -16.47
CA ALA A 161 1.18 -13.91 -16.61
C ALA A 161 2.21 -14.91 -17.12
N HIS A 162 2.97 -14.50 -18.12
CA HIS A 162 4.17 -15.22 -18.49
C HIS A 162 5.14 -15.22 -17.33
N ARG A 163 5.74 -16.36 -17.05
CA ARG A 163 6.81 -16.47 -16.07
C ARG A 163 7.56 -17.78 -16.30
N ALA A 164 8.43 -17.78 -17.30
CA ALA A 164 9.25 -18.95 -17.59
C ALA A 164 10.34 -19.09 -16.53
N ARG A 165 10.33 -20.20 -15.81
CA ARG A 165 11.27 -20.43 -14.72
C ARG A 165 11.79 -21.84 -14.77
N TYR A 166 13.06 -22.01 -14.42
CA TYR A 166 13.65 -23.33 -14.25
C TYR A 166 13.44 -23.80 -12.82
N PHE A 167 13.18 -25.10 -12.67
CA PHE A 167 12.96 -25.69 -11.35
C PHE A 167 13.83 -26.93 -11.21
N TRP A 168 14.86 -26.85 -10.37
CA TRP A 168 15.63 -28.01 -9.96
C TRP A 168 14.98 -28.61 -8.72
N GLY A 169 14.97 -29.94 -8.64
CA GLY A 169 14.42 -30.59 -7.48
C GLY A 169 14.16 -32.06 -7.73
N ASN A 170 13.48 -32.67 -6.75
CA ASN A 170 13.18 -34.10 -6.81
C ASN A 170 11.75 -34.42 -6.37
N LEU A 171 10.86 -33.43 -6.37
CA LEU A 171 9.48 -33.68 -5.98
C LEU A 171 8.81 -34.64 -6.96
N PRO A 172 7.86 -35.45 -6.50
CA PRO A 172 7.17 -36.37 -7.41
C PRO A 172 6.43 -35.63 -8.51
N GLY A 173 6.63 -36.08 -9.74
CA GLY A 173 5.90 -35.53 -10.88
C GLY A 173 6.39 -34.22 -11.42
N MET A 174 7.61 -33.80 -11.07
CA MET A 174 8.05 -32.43 -11.33
C MET A 174 8.01 -32.04 -12.81
N ASN A 175 7.95 -32.99 -13.75
CA ASN A 175 7.74 -32.67 -15.15
C ASN A 175 6.52 -33.37 -15.72
N ARG A 176 5.59 -33.79 -14.89
CA ARG A 176 4.28 -34.09 -15.43
C ARG A 176 3.65 -32.77 -15.88
N PRO A 177 2.84 -32.80 -16.94
CA PRO A 177 2.32 -31.55 -17.49
C PRO A 177 1.37 -30.87 -16.52
N LEU A 178 1.19 -29.57 -16.75
CA LEU A 178 0.28 -28.76 -15.94
C LEU A 178 -1.09 -28.70 -16.59
N ALA A 179 -2.12 -28.88 -15.79
CA ALA A 179 -3.50 -28.67 -16.22
C ALA A 179 -4.11 -27.58 -15.36
N SER A 180 -4.64 -26.55 -16.00
CA SER A 180 -5.32 -25.49 -15.28
C SER A 180 -6.45 -26.06 -14.45
N THR A 181 -6.40 -25.86 -13.14
CA THR A 181 -7.49 -26.28 -12.28
C THR A 181 -8.66 -25.31 -12.42
N VAL A 182 -9.85 -25.79 -12.05
CA VAL A 182 -11.05 -24.97 -12.09
C VAL A 182 -10.89 -23.73 -11.20
N ASN A 183 -9.89 -23.74 -10.33
CA ASN A 183 -9.58 -22.65 -9.44
C ASN A 183 -8.71 -21.57 -10.07
N ASP A 184 -7.92 -21.91 -11.08
CA ASP A 184 -6.92 -21.00 -11.60
C ASP A 184 -7.55 -19.90 -12.46
N LYS A 185 -7.01 -18.68 -12.34
CA LYS A 185 -7.47 -17.53 -13.11
C LYS A 185 -6.48 -17.29 -14.23
N LEU A 186 -6.83 -17.77 -15.43
CA LEU A 186 -5.93 -17.76 -16.58
C LEU A 186 -6.05 -16.49 -17.41
N GLU A 187 -7.04 -15.65 -17.17
CA GLU A 187 -7.23 -14.41 -17.91
C GLU A 187 -6.98 -13.21 -17.00
N LEU A 188 -6.44 -12.14 -17.60
CA LEU A 188 -6.20 -10.93 -16.84
C LEU A 188 -7.50 -10.32 -16.31
N GLN A 189 -8.62 -10.55 -17.00
CA GLN A 189 -9.89 -9.99 -16.56
C GLN A 189 -10.34 -10.58 -15.22
N GLU A 190 -10.02 -11.85 -14.96
CA GLU A 190 -10.44 -12.49 -13.71
C GLU A 190 -9.67 -11.99 -12.51
N CYS A 191 -8.63 -11.18 -12.70
CA CYS A 191 -7.84 -10.62 -11.60
C CYS A 191 -8.08 -9.14 -11.37
N LEU A 192 -8.71 -8.45 -12.32
CA LEU A 192 -8.98 -7.03 -12.17
C LEU A 192 -10.04 -6.78 -11.09
N GLU A 193 -10.02 -5.58 -10.54
CA GLU A 193 -11.08 -5.15 -9.65
C GLU A 193 -12.26 -4.62 -10.47
N HIS A 194 -13.41 -4.55 -9.81
CA HIS A 194 -14.65 -4.25 -10.54
C HIS A 194 -14.57 -2.91 -11.24
N GLY A 195 -15.18 -2.85 -12.43
CA GLY A 195 -15.20 -1.64 -13.23
C GLY A 195 -14.06 -1.48 -14.21
N ARG A 196 -13.12 -2.42 -14.23
CA ARG A 196 -11.95 -2.36 -15.10
C ARG A 196 -11.99 -3.48 -16.13
N ILE A 197 -11.47 -3.20 -17.32
CA ILE A 197 -11.48 -4.13 -18.44
C ILE A 197 -10.04 -4.29 -18.94
N ALA A 198 -9.69 -5.51 -19.35
CA ALA A 198 -8.32 -5.88 -19.66
C ALA A 198 -8.06 -5.74 -21.16
N LYS A 199 -6.98 -5.03 -21.50
CA LYS A 199 -6.56 -4.89 -22.89
C LYS A 199 -5.79 -6.11 -23.39
N PHE A 200 -5.57 -7.11 -22.54
CA PHE A 200 -4.81 -8.28 -22.94
C PHE A 200 -5.37 -9.52 -22.24
N SER A 201 -5.06 -10.68 -22.82
CA SER A 201 -5.44 -11.96 -22.21
C SER A 201 -4.47 -12.35 -21.11
N LYS A 202 -3.18 -12.30 -21.40
CA LYS A 202 -2.13 -12.54 -20.42
C LYS A 202 -1.09 -11.44 -20.53
N VAL A 203 -0.28 -11.30 -19.50
CA VAL A 203 0.74 -10.25 -19.47
C VAL A 203 2.13 -10.89 -19.51
N ARG A 204 3.11 -10.07 -19.87
CA ARG A 204 4.50 -10.52 -19.83
C ARG A 204 4.99 -10.60 -18.38
N THR A 205 6.20 -11.13 -18.22
CA THR A 205 6.76 -11.33 -16.89
C THR A 205 6.81 -10.00 -16.12
N ILE A 206 6.33 -10.04 -14.88
CA ILE A 206 6.35 -8.88 -14.01
C ILE A 206 7.66 -8.88 -13.24
N THR A 207 8.49 -7.86 -13.48
CA THR A 207 9.74 -7.72 -12.73
C THR A 207 9.51 -6.77 -11.55
N THR A 208 10.59 -6.18 -11.03
CA THR A 208 10.50 -5.26 -9.91
C THR A 208 10.25 -3.82 -10.37
N ARG A 209 10.82 -3.42 -11.51
CA ARG A 209 10.52 -2.11 -12.07
C ARG A 209 9.10 -2.11 -12.61
N SER A 210 8.40 -0.98 -12.41
CA SER A 210 6.99 -0.93 -12.77
C SER A 210 6.79 -1.21 -14.25
N ASN A 211 7.49 -0.46 -15.10
CA ASN A 211 7.27 -0.51 -16.55
C ASN A 211 7.33 -1.91 -17.14
N SER A 212 7.47 -2.94 -16.29
CA SER A 212 7.27 -4.31 -16.72
C SER A 212 5.82 -4.58 -17.11
N ILE A 213 4.87 -3.92 -16.44
CA ILE A 213 3.46 -4.11 -16.78
C ILE A 213 3.17 -3.62 -18.18
N LYS A 214 3.86 -2.58 -18.63
CA LYS A 214 3.58 -2.03 -19.95
C LYS A 214 4.04 -3.01 -21.02
N GLN A 215 3.11 -3.45 -21.86
CA GLN A 215 3.31 -4.60 -22.73
C GLN A 215 3.66 -4.17 -24.15
N GLY A 216 4.13 -5.16 -24.92
CA GLY A 216 4.54 -4.94 -26.29
C GLY A 216 5.94 -4.38 -26.35
N LYS A 217 6.31 -3.93 -27.56
CA LYS A 217 7.55 -3.19 -27.76
C LYS A 217 7.30 -1.69 -27.84
N ASP A 218 6.07 -1.26 -28.09
CA ASP A 218 5.69 0.14 -28.03
C ASP A 218 5.34 0.61 -26.63
N GLN A 219 5.36 -0.29 -25.64
CA GLN A 219 5.11 0.06 -24.24
C GLN A 219 3.64 0.44 -24.03
N HIS A 220 2.81 -0.54 -23.67
CA HIS A 220 1.35 -0.40 -23.63
C HIS A 220 0.79 -0.79 -22.27
N PHE A 221 -0.07 0.07 -21.72
CA PHE A 221 -0.80 -0.23 -20.50
C PHE A 221 -1.68 -1.46 -20.70
N PRO A 222 -1.94 -2.23 -19.64
CA PRO A 222 -2.74 -3.45 -19.78
C PRO A 222 -4.23 -3.31 -19.49
N VAL A 223 -4.69 -2.16 -18.98
CA VAL A 223 -6.04 -2.06 -18.45
C VAL A 223 -6.67 -0.75 -18.87
N PHE A 224 -7.95 -0.80 -19.22
CA PHE A 224 -8.77 0.38 -19.44
C PHE A 224 -9.81 0.48 -18.35
N MET A 225 -9.95 1.68 -17.77
CA MET A 225 -10.98 1.95 -16.77
C MET A 225 -11.57 3.32 -17.05
N ASN A 226 -12.89 3.37 -17.24
CA ASN A 226 -13.61 4.62 -17.54
C ASN A 226 -13.00 5.31 -18.76
N GLU A 227 -12.98 4.58 -19.87
CA GLU A 227 -12.53 5.05 -21.18
C GLU A 227 -11.03 5.28 -21.26
N LYS A 228 -10.35 5.32 -20.11
CA LYS A 228 -8.93 5.65 -20.06
C LYS A 228 -8.11 4.45 -19.61
N GLU A 229 -6.83 4.49 -19.97
CA GLU A 229 -5.91 3.38 -19.74
C GLU A 229 -5.17 3.53 -18.42
N ASP A 230 -4.81 2.39 -17.82
CA ASP A 230 -4.16 2.39 -16.52
C ASP A 230 -3.25 1.16 -16.44
N ILE A 231 -2.30 1.22 -15.51
CA ILE A 231 -1.46 0.06 -15.21
C ILE A 231 -2.23 -0.86 -14.28
N LEU A 232 -1.65 -2.03 -13.99
CA LEU A 232 -2.24 -2.93 -13.02
C LEU A 232 -2.10 -2.36 -11.62
N TRP A 233 -3.07 -2.67 -10.77
CA TRP A 233 -2.95 -2.38 -9.35
C TRP A 233 -2.28 -3.56 -8.66
N CYS A 234 -1.63 -3.29 -7.53
CA CYS A 234 -0.87 -4.34 -6.88
C CYS A 234 -1.75 -5.46 -6.35
N THR A 235 -2.98 -5.13 -5.92
CA THR A 235 -3.91 -6.19 -5.53
C THR A 235 -4.26 -7.05 -6.75
N GLU A 236 -4.43 -6.40 -7.89
CA GLU A 236 -4.58 -7.16 -9.14
C GLU A 236 -3.32 -7.96 -9.44
N MET A 237 -2.15 -7.39 -9.17
CA MET A 237 -0.91 -8.12 -9.39
C MET A 237 -0.83 -9.34 -8.49
N GLU A 238 -1.26 -9.20 -7.23
CA GLU A 238 -1.31 -10.35 -6.33
C GLU A 238 -2.21 -11.44 -6.88
N ARG A 239 -3.36 -11.05 -7.45
CA ARG A 239 -4.23 -12.01 -8.11
C ARG A 239 -3.56 -12.60 -9.35
N VAL A 240 -2.81 -11.78 -10.09
CA VAL A 240 -2.09 -12.29 -11.26
C VAL A 240 -1.05 -13.32 -10.85
N PHE A 241 -0.50 -13.20 -9.65
CA PHE A 241 0.50 -14.13 -9.15
C PHE A 241 -0.12 -15.31 -8.42
N GLY A 242 -1.40 -15.24 -8.05
CA GLY A 242 -2.07 -16.28 -7.29
C GLY A 242 -2.08 -16.07 -5.79
N PHE A 243 -1.55 -14.95 -5.30
CA PHE A 243 -1.60 -14.65 -3.87
C PHE A 243 -2.99 -14.19 -3.48
N PRO A 244 -3.38 -14.35 -2.22
CA PRO A 244 -4.62 -13.73 -1.75
C PRO A 244 -4.55 -12.22 -1.97
N VAL A 245 -5.70 -11.61 -2.22
CA VAL A 245 -5.68 -10.17 -2.46
C VAL A 245 -5.43 -9.45 -1.14
N HIS A 246 -4.61 -8.40 -1.20
CA HIS A 246 -4.12 -7.63 -0.05
C HIS A 246 -3.09 -8.39 0.78
N TYR A 247 -2.53 -9.45 0.20
CA TYR A 247 -1.51 -10.24 0.90
C TYR A 247 -0.32 -9.39 1.29
N THR A 248 0.16 -8.56 0.37
CA THR A 248 1.34 -7.74 0.61
C THR A 248 1.00 -6.36 1.17
N ASP A 249 -0.27 -6.09 1.48
CA ASP A 249 -0.70 -4.81 2.01
C ASP A 249 -0.33 -4.74 3.50
N VAL A 250 0.97 -4.53 3.77
CA VAL A 250 1.48 -4.39 5.13
C VAL A 250 2.59 -3.35 5.17
N SER A 251 2.78 -2.78 6.36
CA SER A 251 3.96 -1.94 6.68
C SER A 251 4.04 -0.68 5.82
N ASN A 252 2.88 -0.10 5.49
CA ASN A 252 2.82 1.17 4.76
C ASN A 252 3.57 1.10 3.43
N MET A 253 3.72 -0.09 2.88
CA MET A 253 4.46 -0.24 1.63
C MET A 253 3.72 0.42 0.48
N SER A 254 4.48 1.18 -0.32
CA SER A 254 3.95 1.75 -1.56
C SER A 254 3.69 0.64 -2.57
N HIS A 255 3.11 1.02 -3.70
CA HIS A 255 2.81 0.00 -4.71
C HIS A 255 4.08 -0.49 -5.40
N LEU A 256 5.11 0.36 -5.48
CA LEU A 256 6.39 -0.07 -6.03
C LEU A 256 7.15 -0.98 -5.06
N ALA A 257 7.07 -0.70 -3.77
CA ALA A 257 7.66 -1.59 -2.77
C ALA A 257 7.01 -2.97 -2.83
N ARG A 258 5.69 -3.02 -2.98
CA ARG A 258 4.99 -4.30 -3.08
C ARG A 258 5.32 -5.02 -4.38
N GLN A 259 5.37 -4.28 -5.50
CA GLN A 259 5.76 -4.90 -6.76
C GLN A 259 7.17 -5.46 -6.68
N ARG A 260 8.04 -4.82 -5.89
CA ARG A 260 9.37 -5.37 -5.64
C ARG A 260 9.29 -6.75 -5.02
N LEU A 261 8.47 -6.90 -3.98
CA LEU A 261 8.27 -8.20 -3.36
C LEU A 261 7.62 -9.18 -4.34
N LEU A 262 6.57 -8.75 -5.03
CA LEU A 262 5.89 -9.62 -5.98
C LEU A 262 6.79 -9.99 -7.16
N GLY A 263 7.56 -9.02 -7.67
CA GLY A 263 8.37 -9.28 -8.85
C GLY A 263 9.45 -10.31 -8.66
N ARG A 264 9.82 -10.60 -7.42
CA ARG A 264 10.86 -11.58 -7.11
C ARG A 264 10.29 -12.93 -6.67
N SER A 265 8.98 -13.09 -6.60
CA SER A 265 8.39 -14.26 -5.98
C SER A 265 8.04 -15.31 -7.02
N TRP A 266 7.45 -16.41 -6.56
CA TRP A 266 6.94 -17.48 -7.40
C TRP A 266 5.46 -17.27 -7.67
N SER A 267 5.00 -17.80 -8.82
CA SER A 267 3.58 -17.82 -9.10
C SER A 267 2.93 -18.93 -8.28
N VAL A 268 1.96 -18.56 -7.45
CA VAL A 268 1.43 -19.51 -6.45
C VAL A 268 0.90 -20.79 -7.08
N PRO A 269 0.09 -20.77 -8.16
CA PRO A 269 -0.41 -22.05 -8.71
C PRO A 269 0.70 -22.97 -9.18
N VAL A 270 1.81 -22.42 -9.67
CA VAL A 270 2.95 -23.26 -10.07
C VAL A 270 3.51 -24.00 -8.87
N ILE A 271 3.69 -23.29 -7.75
CA ILE A 271 4.17 -23.95 -6.54
C ILE A 271 3.11 -24.89 -5.98
N ARG A 272 1.83 -24.53 -6.10
CA ARG A 272 0.78 -25.42 -5.60
C ARG A 272 0.80 -26.76 -6.31
N HIS A 273 1.00 -26.76 -7.63
CA HIS A 273 1.07 -28.02 -8.36
C HIS A 273 2.28 -28.84 -7.92
N LEU A 274 3.46 -28.21 -7.86
CA LEU A 274 4.67 -28.94 -7.52
C LEU A 274 4.61 -29.56 -6.14
N PHE A 275 3.90 -28.93 -5.21
CA PHE A 275 3.76 -29.43 -3.85
C PHE A 275 2.59 -30.40 -3.68
N ALA A 276 1.78 -30.59 -4.71
CA ALA A 276 0.56 -31.40 -4.56
C ALA A 276 0.84 -32.81 -4.06
N PRO A 277 1.78 -33.59 -4.63
CA PRO A 277 1.97 -34.97 -4.14
C PRO A 277 2.53 -35.07 -2.72
N LEU A 278 3.01 -33.98 -2.14
CA LEU A 278 3.52 -34.04 -0.77
C LEU A 278 2.43 -34.34 0.26
N LYS A 279 1.16 -34.23 -0.13
CA LYS A 279 0.07 -34.49 0.80
C LYS A 279 0.09 -35.92 1.34
N GLU A 280 0.60 -36.87 0.53
CA GLU A 280 0.66 -38.25 0.97
C GLU A 280 1.82 -38.53 1.91
N TYR A 281 2.89 -37.72 1.85
CA TYR A 281 4.08 -37.99 2.64
C TYR A 281 4.01 -37.45 4.07
N PHE A 282 3.04 -36.60 4.37
CA PHE A 282 3.02 -35.92 5.66
C PHE A 282 1.59 -35.73 6.14
N ALA A 283 1.48 -35.50 7.45
CA ALA A 283 0.17 -35.31 8.09
C ALA A 283 -0.57 -34.16 7.44
N CYS A 284 -1.83 -34.41 7.08
CA CYS A 284 -2.67 -33.43 6.40
C CYS A 284 -3.96 -33.25 7.18
N VAL A 285 -4.19 -32.04 7.68
CA VAL A 285 -5.45 -31.67 8.31
C VAL A 285 -5.99 -30.43 7.63
N PHE B 2 43.31 -40.72 11.58
CA PHE B 2 43.13 -40.61 13.02
C PHE B 2 44.21 -41.40 13.77
N GLU B 3 44.23 -42.71 13.56
CA GLU B 3 45.17 -43.61 14.22
C GLU B 3 46.04 -44.26 13.16
N THR B 4 47.35 -44.23 13.38
CA THR B 4 48.31 -44.64 12.36
C THR B 4 48.39 -46.16 12.24
N VAL B 5 49.24 -46.61 11.34
CA VAL B 5 49.32 -48.03 10.94
C VAL B 5 50.75 -48.37 10.61
N PRO B 6 51.17 -49.61 10.86
CA PRO B 6 52.56 -49.98 10.58
C PRO B 6 52.88 -49.87 9.10
N VAL B 7 54.19 -49.76 8.81
CA VAL B 7 54.64 -49.37 7.48
C VAL B 7 54.24 -50.39 6.42
N TRP B 8 54.20 -51.68 6.79
CA TRP B 8 53.87 -52.70 5.79
C TRP B 8 52.42 -52.64 5.34
N ARG B 9 51.56 -51.94 6.08
CA ARG B 9 50.16 -51.82 5.70
C ARG B 9 49.88 -50.58 4.87
N ARG B 10 50.68 -49.53 5.02
CA ARG B 10 50.50 -48.32 4.23
C ARG B 10 50.76 -48.61 2.75
N GLN B 11 49.80 -48.25 1.90
CA GLN B 11 49.92 -48.43 0.46
C GLN B 11 50.01 -47.08 -0.23
N PRO B 12 50.45 -47.03 -1.50
CA PRO B 12 50.73 -45.73 -2.13
C PRO B 12 49.48 -44.88 -2.31
N VAL B 13 49.58 -43.62 -1.88
CA VAL B 13 48.46 -42.71 -1.92
C VAL B 13 47.94 -42.54 -3.34
N ARG B 14 46.63 -42.32 -3.47
CA ARG B 14 45.98 -42.01 -4.74
C ARG B 14 45.39 -40.61 -4.61
N VAL B 15 45.86 -39.69 -5.46
CA VAL B 15 45.65 -38.26 -5.28
C VAL B 15 44.90 -37.70 -6.48
N LEU B 16 44.01 -36.74 -6.22
CA LEU B 16 43.40 -35.90 -7.25
C LEU B 16 43.94 -34.49 -7.09
N SER B 17 44.57 -33.97 -8.15
CA SER B 17 45.14 -32.64 -8.18
C SER B 17 44.31 -31.78 -9.12
N LEU B 18 43.70 -30.72 -8.59
CA LEU B 18 42.88 -29.81 -9.38
C LEU B 18 43.55 -28.45 -9.44
N PHE B 19 43.50 -27.83 -10.63
CA PHE B 19 44.01 -26.49 -10.91
C PHE B 19 45.53 -26.45 -10.94
N GLU B 20 46.17 -27.15 -10.02
CA GLU B 20 47.63 -27.16 -9.93
C GLU B 20 48.12 -28.60 -9.94
N ASP B 21 48.84 -28.96 -10.99
CA ASP B 21 49.66 -30.16 -10.99
C ASP B 21 50.57 -30.17 -9.77
N ILE B 22 50.68 -31.32 -9.10
CA ILE B 22 51.63 -31.37 -8.00
C ILE B 22 52.52 -32.60 -8.05
N LYS B 23 52.61 -33.26 -9.21
CA LYS B 23 53.42 -34.47 -9.32
C LYS B 23 54.88 -34.21 -8.92
N LYS B 24 55.48 -33.18 -9.51
CA LYS B 24 56.88 -32.85 -9.20
C LYS B 24 57.06 -32.32 -7.78
N GLU B 25 55.98 -32.02 -7.07
CA GLU B 25 56.04 -31.75 -5.64
C GLU B 25 55.86 -33.01 -4.81
N LEU B 26 55.47 -34.13 -5.44
CA LEU B 26 55.34 -35.40 -4.74
C LEU B 26 56.54 -36.34 -4.93
N THR B 27 57.36 -36.11 -5.96
CA THR B 27 58.59 -36.89 -6.10
C THR B 27 59.62 -36.45 -5.06
N SER B 28 59.79 -35.13 -4.90
CA SER B 28 60.79 -34.59 -3.97
C SER B 28 60.61 -35.11 -2.55
N LEU B 29 59.41 -35.55 -2.18
CA LEU B 29 59.18 -36.19 -0.89
C LEU B 29 58.72 -37.64 -1.03
N GLY B 30 58.67 -38.18 -2.24
CA GLY B 30 58.53 -39.60 -2.46
C GLY B 30 57.18 -40.21 -2.12
N PHE B 31 56.09 -39.50 -2.38
CA PHE B 31 54.76 -40.08 -2.20
C PHE B 31 54.37 -40.98 -3.36
N LEU B 32 55.17 -41.03 -4.42
CA LEU B 32 54.83 -41.75 -5.65
C LEU B 32 55.99 -42.65 -6.04
N GLU B 33 55.81 -43.34 -7.16
CA GLU B 33 56.89 -44.04 -7.86
C GLU B 33 57.26 -43.23 -9.09
N SER B 34 58.56 -43.14 -9.38
CA SER B 34 59.01 -42.38 -10.54
C SER B 34 58.69 -43.12 -11.83
N GLY B 35 58.54 -44.44 -11.78
CA GLY B 35 58.01 -45.20 -12.90
C GLY B 35 56.50 -45.18 -12.90
N SER B 36 55.92 -44.47 -13.87
CA SER B 36 54.47 -44.27 -13.91
C SER B 36 53.71 -45.59 -13.98
N GLN B 40 48.70 -43.79 -10.95
CA GLN B 40 47.90 -43.78 -9.72
C GLN B 40 47.73 -42.36 -9.19
N LEU B 41 47.72 -41.39 -10.11
CA LEU B 41 47.41 -40.00 -9.80
C LEU B 41 46.53 -39.46 -10.90
N LYS B 42 45.50 -38.71 -10.53
CA LYS B 42 44.60 -38.07 -11.47
C LYS B 42 44.67 -36.56 -11.30
N HIS B 43 44.58 -35.84 -12.42
CA HIS B 43 44.74 -34.39 -12.40
C HIS B 43 43.94 -33.80 -13.56
N VAL B 44 42.87 -33.08 -13.21
CA VAL B 44 42.11 -32.27 -14.15
C VAL B 44 42.26 -30.81 -13.74
N VAL B 45 42.25 -29.90 -14.72
CA VAL B 45 42.36 -28.47 -14.45
C VAL B 45 41.12 -27.71 -14.92
N ASP B 46 40.48 -28.14 -16.01
CA ASP B 46 39.15 -27.64 -16.37
C ASP B 46 38.14 -28.66 -15.88
N VAL B 47 37.50 -28.36 -14.75
CA VAL B 47 36.60 -29.29 -14.08
C VAL B 47 35.14 -28.91 -14.27
N THR B 48 34.84 -28.01 -15.22
CA THR B 48 33.47 -27.53 -15.36
C THR B 48 32.51 -28.64 -15.77
N ASP B 49 32.93 -29.51 -16.68
CA ASP B 49 32.07 -30.60 -17.15
C ASP B 49 32.34 -31.90 -16.42
N THR B 50 33.18 -31.89 -15.39
CA THR B 50 33.47 -33.10 -14.62
C THR B 50 32.24 -33.45 -13.77
N VAL B 51 31.54 -34.50 -14.18
CA VAL B 51 30.37 -35.00 -13.45
C VAL B 51 30.89 -35.86 -12.29
N ARG B 52 29.98 -36.41 -11.48
CA ARG B 52 30.39 -37.13 -10.28
C ARG B 52 30.94 -38.52 -10.60
N LYS B 53 30.16 -39.34 -11.30
CA LYS B 53 30.59 -40.70 -11.61
C LYS B 53 31.93 -40.73 -12.34
N ASP B 54 32.29 -39.63 -13.02
CA ASP B 54 33.65 -39.47 -13.52
C ASP B 54 34.66 -39.63 -12.40
N VAL B 55 34.43 -38.93 -11.28
CA VAL B 55 35.35 -39.02 -10.15
C VAL B 55 35.35 -40.42 -9.56
N GLU B 56 34.16 -41.00 -9.39
CA GLU B 56 34.06 -42.33 -8.76
C GLU B 56 34.83 -43.38 -9.56
N GLU B 57 34.59 -43.45 -10.87
CA GLU B 57 35.30 -44.38 -11.73
C GLU B 57 36.70 -43.89 -12.10
N TRP B 58 37.21 -42.88 -11.39
CA TRP B 58 38.62 -42.55 -11.47
C TRP B 58 39.43 -43.24 -10.38
N GLY B 59 38.86 -44.26 -9.74
CA GLY B 59 39.50 -44.93 -8.64
C GLY B 59 39.23 -44.23 -7.32
N PRO B 60 39.15 -44.97 -6.22
CA PRO B 60 39.01 -44.33 -4.91
C PRO B 60 40.26 -43.52 -4.57
N PHE B 61 40.05 -42.34 -3.99
CA PHE B 61 41.12 -41.38 -3.77
C PHE B 61 41.37 -41.16 -2.29
N ASP B 62 42.62 -40.86 -1.95
CA ASP B 62 43.06 -40.68 -0.58
C ASP B 62 43.38 -39.24 -0.22
N LEU B 63 43.80 -38.44 -1.20
CA LEU B 63 44.16 -37.04 -0.99
C LEU B 63 43.67 -36.25 -2.20
N VAL B 64 42.73 -35.33 -1.99
CA VAL B 64 42.24 -34.47 -3.06
C VAL B 64 42.71 -33.05 -2.78
N TYR B 65 43.47 -32.50 -3.70
CA TYR B 65 44.19 -31.24 -3.52
C TYR B 65 43.70 -30.24 -4.57
N GLY B 66 43.54 -29.01 -4.15
CA GLY B 66 43.29 -27.93 -5.09
C GLY B 66 43.95 -26.68 -4.58
N ALA B 67 44.35 -25.82 -5.52
CA ALA B 67 45.01 -24.58 -5.15
C ALA B 67 44.66 -23.51 -6.15
N THR B 68 44.51 -22.28 -5.67
CA THR B 68 44.30 -21.16 -6.57
C THR B 68 45.59 -20.88 -7.33
N PRO B 69 45.51 -20.50 -8.61
CA PRO B 69 46.71 -20.18 -9.38
C PRO B 69 47.52 -19.10 -8.68
N PRO B 70 48.85 -19.15 -8.81
CA PRO B 70 49.69 -18.15 -8.13
C PRO B 70 49.49 -16.74 -8.65
N LEU B 71 50.14 -15.77 -7.99
CA LEU B 71 49.99 -14.37 -8.36
C LEU B 71 50.55 -14.13 -9.75
N GLY B 72 49.69 -13.67 -10.66
CA GLY B 72 50.10 -13.39 -12.02
C GLY B 72 48.92 -13.01 -12.90
N HIS B 73 48.83 -13.61 -14.09
CA HIS B 73 47.73 -13.35 -15.01
C HIS B 73 47.07 -14.60 -15.54
N THR B 74 47.59 -15.80 -15.24
CA THR B 74 46.99 -17.04 -15.70
C THR B 74 45.66 -17.34 -15.01
N CYS B 75 45.18 -16.44 -14.15
CA CYS B 75 43.88 -16.59 -13.50
C CYS B 75 42.81 -16.13 -14.47
N ASP B 76 42.29 -17.07 -15.26
CA ASP B 76 41.21 -16.74 -16.19
C ASP B 76 39.85 -16.83 -15.51
N ARG B 77 39.62 -17.89 -14.76
CA ARG B 77 38.40 -18.01 -13.97
C ARG B 77 38.40 -16.99 -12.84
N PRO B 78 37.22 -16.65 -12.30
CA PRO B 78 37.18 -15.79 -11.12
C PRO B 78 37.73 -16.52 -9.91
N PRO B 79 38.33 -15.80 -8.96
CA PRO B 79 39.05 -16.47 -7.87
C PRO B 79 38.19 -17.42 -7.06
N SER B 80 36.94 -17.04 -6.76
CA SER B 80 36.05 -17.89 -5.97
C SER B 80 35.63 -19.14 -6.72
N TRP B 81 35.73 -19.14 -8.05
CA TRP B 81 35.38 -20.32 -8.83
C TRP B 81 36.16 -21.54 -8.40
N TYR B 82 37.43 -21.35 -8.03
CA TYR B 82 38.28 -22.48 -7.64
C TYR B 82 37.83 -23.09 -6.32
N LEU B 83 37.31 -22.29 -5.40
CA LEU B 83 36.86 -22.84 -4.12
C LEU B 83 35.60 -23.69 -4.29
N PHE B 84 34.57 -23.14 -4.96
CA PHE B 84 33.32 -23.87 -5.13
C PHE B 84 33.55 -25.16 -5.91
N GLN B 85 34.28 -25.08 -7.01
CA GLN B 85 34.54 -26.28 -7.81
C GLN B 85 35.33 -27.32 -7.02
N PHE B 86 36.25 -26.88 -6.16
CA PHE B 86 36.96 -27.81 -5.29
C PHE B 86 36.00 -28.45 -4.30
N HIS B 87 35.18 -27.65 -3.63
CA HIS B 87 34.19 -28.18 -2.69
C HIS B 87 33.25 -29.15 -3.39
N ARG B 88 32.91 -28.88 -4.65
CA ARG B 88 32.00 -29.75 -5.38
C ARG B 88 32.59 -31.15 -5.55
N LEU B 89 33.76 -31.25 -6.19
CA LEU B 89 34.36 -32.56 -6.40
C LEU B 89 34.89 -33.19 -5.12
N LEU B 90 35.08 -32.39 -4.05
CA LEU B 90 35.46 -32.95 -2.77
C LEU B 90 34.38 -33.93 -2.26
N GLN B 91 33.12 -33.47 -2.23
CA GLN B 91 32.03 -34.35 -1.82
C GLN B 91 31.95 -35.58 -2.71
N TYR B 92 32.34 -35.45 -3.97
CA TYR B 92 32.30 -36.59 -4.88
C TYR B 92 33.27 -37.68 -4.45
N ALA B 93 34.44 -37.29 -3.95
CA ALA B 93 35.48 -38.24 -3.56
C ALA B 93 35.37 -38.69 -2.11
N ARG B 94 34.61 -38.00 -1.29
CA ARG B 94 34.48 -38.38 0.11
C ARG B 94 33.95 -39.81 0.21
N PRO B 95 34.63 -40.69 0.97
CA PRO B 95 34.15 -42.07 1.09
C PRO B 95 32.96 -42.22 2.03
N LYS B 96 32.53 -43.48 2.23
CA LYS B 96 31.37 -43.81 3.02
C LYS B 96 31.66 -43.54 4.50
N PRO B 97 30.63 -43.68 5.40
CA PRO B 97 30.89 -43.48 6.83
C PRO B 97 32.03 -44.34 7.35
N GLY B 98 31.83 -45.65 7.40
CA GLY B 98 32.87 -46.56 7.83
C GLY B 98 34.08 -46.49 6.93
N SER B 99 34.87 -45.42 7.06
CA SER B 99 36.04 -45.20 6.22
C SER B 99 37.19 -46.09 6.69
N PRO B 100 37.57 -47.11 5.91
CA PRO B 100 38.67 -47.97 6.32
C PRO B 100 40.00 -47.22 6.38
N ARG B 101 40.48 -46.77 5.23
CA ARG B 101 41.71 -45.99 5.17
C ARG B 101 41.44 -44.57 5.64
N PRO B 102 42.50 -43.81 5.92
CA PRO B 102 42.32 -42.40 6.28
C PRO B 102 42.20 -41.52 5.05
N PHE B 103 41.29 -40.55 5.12
CA PHE B 103 41.00 -39.65 4.01
C PHE B 103 41.40 -38.22 4.38
N PHE B 104 42.13 -37.57 3.47
CA PHE B 104 42.59 -36.20 3.67
C PHE B 104 42.27 -35.38 2.42
N TRP B 105 42.16 -34.07 2.63
CA TRP B 105 41.92 -33.11 1.57
C TRP B 105 42.56 -31.80 1.99
N MET B 106 42.98 -30.98 1.00
CA MET B 106 43.50 -29.66 1.33
C MET B 106 43.31 -28.69 0.18
N PHE B 107 42.99 -27.44 0.54
CA PHE B 107 42.87 -26.33 -0.41
C PHE B 107 43.84 -25.23 0.00
N VAL B 108 44.54 -24.66 -0.99
CA VAL B 108 45.62 -23.72 -0.74
C VAL B 108 45.35 -22.43 -1.50
N ASP B 109 45.55 -21.29 -0.83
CA ASP B 109 45.40 -19.98 -1.45
C ASP B 109 46.77 -19.31 -1.49
N ASN B 110 47.22 -18.93 -2.68
CA ASN B 110 48.46 -18.18 -2.83
C ASN B 110 48.17 -16.68 -2.88
N LEU B 111 47.48 -16.21 -1.84
CA LEU B 111 47.24 -14.78 -1.63
C LEU B 111 46.47 -14.15 -2.79
N VAL B 112 45.52 -14.90 -3.35
CA VAL B 112 44.67 -14.37 -4.41
C VAL B 112 43.25 -14.09 -3.92
N LEU B 113 42.80 -14.70 -2.84
CA LEU B 113 41.43 -14.55 -2.38
C LEU B 113 41.32 -13.35 -1.44
N ASN B 114 40.31 -12.52 -1.68
CA ASN B 114 40.13 -11.30 -0.90
C ASN B 114 39.41 -11.61 0.41
N LYS B 115 39.17 -10.57 1.21
CA LYS B 115 38.66 -10.75 2.56
C LYS B 115 37.33 -11.50 2.58
N GLU B 116 36.39 -11.13 1.71
CA GLU B 116 35.12 -11.84 1.67
C GLU B 116 35.19 -13.08 0.79
N ASP B 117 36.25 -13.24 0.00
CA ASP B 117 36.48 -14.52 -0.67
C ASP B 117 37.05 -15.55 0.28
N LEU B 118 37.68 -15.12 1.37
CA LEU B 118 38.23 -16.06 2.35
C LEU B 118 37.17 -16.53 3.34
N ASP B 119 36.18 -15.70 3.65
CA ASP B 119 35.16 -16.10 4.61
C ASP B 119 34.25 -17.19 4.05
N VAL B 120 33.87 -17.06 2.76
CA VAL B 120 33.09 -18.13 2.13
C VAL B 120 33.92 -19.41 2.04
N ALA B 121 35.23 -19.27 1.85
CA ALA B 121 36.11 -20.42 1.93
C ALA B 121 36.05 -21.08 3.29
N SER B 122 36.25 -20.30 4.35
CA SER B 122 36.16 -20.84 5.70
C SER B 122 34.74 -21.29 6.04
N ARG B 123 33.74 -20.62 5.47
CA ARG B 123 32.36 -21.06 5.66
C ARG B 123 32.11 -22.40 4.97
N PHE B 124 32.71 -22.61 3.79
CA PHE B 124 32.46 -23.81 3.01
C PHE B 124 33.33 -24.98 3.42
N LEU B 125 34.48 -24.71 4.04
CA LEU B 125 35.33 -25.77 4.57
C LEU B 125 35.25 -25.83 6.09
N GLU B 126 34.42 -25.00 6.71
CA GLU B 126 34.03 -25.11 8.12
C GLU B 126 35.21 -25.01 9.08
N MET B 127 36.22 -24.21 8.74
CA MET B 127 37.24 -23.81 9.70
C MET B 127 38.04 -22.66 9.11
N GLU B 128 38.51 -21.79 9.99
CA GLU B 128 39.37 -20.69 9.56
C GLU B 128 40.69 -21.25 9.02
N PRO B 129 41.32 -20.55 8.09
CA PRO B 129 42.55 -21.07 7.46
C PRO B 129 43.75 -20.94 8.39
N VAL B 130 44.88 -21.45 7.91
CA VAL B 130 46.18 -21.26 8.56
C VAL B 130 47.11 -20.56 7.60
N THR B 131 47.84 -19.57 8.10
CA THR B 131 48.82 -18.86 7.30
C THR B 131 50.18 -19.52 7.51
N ILE B 132 50.66 -20.24 6.50
CA ILE B 132 51.93 -20.95 6.56
C ILE B 132 53.00 -20.04 5.96
N PRO B 133 53.97 -19.57 6.73
CA PRO B 133 54.98 -18.67 6.17
C PRO B 133 56.31 -19.35 5.90
N ASP B 134 57.20 -18.65 5.18
CA ASP B 134 58.59 -19.06 5.04
C ASP B 134 59.48 -17.94 5.53
N VAL B 135 59.16 -17.39 6.70
CA VAL B 135 59.84 -16.22 7.26
C VAL B 135 61.35 -16.42 7.33
N LEU B 140 60.43 -13.13 5.79
CA LEU B 140 59.19 -12.84 5.10
C LEU B 140 59.27 -13.23 3.62
N GLN B 141 59.79 -14.43 3.37
CA GLN B 141 60.03 -14.85 1.99
C GLN B 141 58.71 -15.10 1.25
N ASN B 142 57.77 -15.76 1.89
CA ASN B 142 56.49 -16.09 1.25
C ASN B 142 55.50 -16.50 2.34
N ALA B 143 54.29 -16.85 1.90
CA ALA B 143 53.23 -17.34 2.77
C ALA B 143 52.07 -17.81 1.92
N VAL B 144 51.33 -18.81 2.44
CA VAL B 144 50.11 -19.30 1.81
C VAL B 144 49.08 -19.58 2.89
N ARG B 145 47.81 -19.53 2.50
CA ARG B 145 46.71 -19.92 3.35
C ARG B 145 46.27 -21.33 2.99
N VAL B 146 45.96 -22.14 4.00
CA VAL B 146 45.72 -23.56 3.80
C VAL B 146 44.49 -23.99 4.59
N TRP B 147 43.55 -24.64 3.92
CA TRP B 147 42.42 -25.33 4.54
C TRP B 147 42.59 -26.82 4.38
N SER B 148 42.49 -27.57 5.48
CA SER B 148 42.63 -29.03 5.37
C SER B 148 42.43 -29.70 6.72
N ASN B 149 41.96 -30.95 6.68
CA ASN B 149 41.75 -31.78 7.85
C ASN B 149 43.03 -32.49 8.33
N ILE B 150 44.21 -32.09 7.85
CA ILE B 150 45.46 -32.67 8.37
C ILE B 150 45.63 -32.17 9.80
N PRO B 151 45.67 -33.06 10.79
CA PRO B 151 45.80 -32.60 12.19
C PRO B 151 47.08 -31.85 12.47
N ALA B 152 48.15 -32.11 11.72
CA ALA B 152 49.41 -31.43 11.99
C ALA B 152 49.39 -29.98 11.54
N ILE B 153 48.60 -29.65 10.52
CA ILE B 153 48.63 -28.30 9.96
C ILE B 153 47.96 -27.31 10.91
N ARG B 154 46.74 -27.62 11.35
CA ARG B 154 45.99 -26.72 12.22
C ARG B 154 46.48 -26.73 13.66
N SER B 155 47.43 -27.62 14.00
CA SER B 155 47.96 -27.69 15.35
C SER B 155 49.31 -26.99 15.50
N ARG B 156 50.28 -27.35 14.65
CA ARG B 156 51.59 -26.70 14.70
C ARG B 156 51.44 -25.21 14.49
N HIS B 157 51.78 -24.42 15.51
CA HIS B 157 51.55 -22.98 15.48
C HIS B 157 52.77 -22.29 14.89
N TRP B 158 52.55 -21.63 13.76
CA TRP B 158 53.63 -21.12 12.92
C TRP B 158 54.07 -19.75 13.42
N ALA B 159 54.92 -19.08 12.63
CA ALA B 159 55.26 -17.70 12.92
C ALA B 159 54.06 -16.81 12.65
N LEU B 160 53.80 -15.88 13.58
CA LEU B 160 52.72 -14.92 13.40
C LEU B 160 53.05 -13.97 12.25
N VAL B 161 52.01 -13.59 11.50
CA VAL B 161 52.14 -12.66 10.38
C VAL B 161 50.90 -11.77 10.34
N SER B 162 51.10 -10.48 10.06
CA SER B 162 50.04 -9.49 10.06
C SER B 162 49.33 -9.44 8.71
N GLU B 163 48.08 -8.99 8.74
CA GLU B 163 47.31 -8.84 7.50
C GLU B 163 47.86 -7.72 6.64
N GLU B 164 48.31 -6.62 7.27
CA GLU B 164 49.04 -5.60 6.53
C GLU B 164 50.36 -6.16 5.99
N GLU B 165 50.93 -7.15 6.69
CA GLU B 165 52.16 -7.77 6.21
C GLU B 165 51.89 -8.73 5.05
N LEU B 166 50.73 -9.39 5.06
CA LEU B 166 50.38 -10.27 3.95
C LEU B 166 49.90 -9.49 2.73
N SER B 167 49.23 -8.36 2.94
CA SER B 167 48.77 -7.54 1.82
C SER B 167 49.95 -7.03 1.00
N LEU B 168 51.04 -6.65 1.66
CA LEU B 168 52.21 -6.13 0.94
C LEU B 168 52.84 -7.19 0.06
N LEU B 169 53.09 -8.37 0.62
CA LEU B 169 53.65 -9.46 -0.18
C LEU B 169 52.73 -9.83 -1.34
N ALA B 170 51.43 -9.96 -1.06
CA ALA B 170 50.47 -10.21 -2.12
C ALA B 170 50.51 -9.12 -3.18
N GLN B 171 50.87 -7.91 -2.79
CA GLN B 171 51.03 -6.80 -3.72
C GLN B 171 52.46 -6.62 -4.20
N ASN B 172 53.44 -7.30 -3.61
CA ASN B 172 54.80 -7.16 -4.10
C ASN B 172 55.09 -8.14 -5.23
N LYS B 173 54.57 -9.38 -5.14
CA LYS B 173 54.56 -10.25 -6.30
C LYS B 173 53.60 -9.72 -7.36
N GLN B 174 52.55 -9.01 -6.94
CA GLN B 174 51.72 -8.18 -7.84
C GLN B 174 52.58 -7.21 -8.63
N SER B 175 53.22 -6.27 -7.94
CA SER B 175 53.88 -5.18 -8.67
C SER B 175 55.09 -5.68 -9.43
N SER B 176 55.75 -6.70 -8.92
CA SER B 176 56.84 -7.35 -9.62
C SER B 176 56.29 -8.17 -10.78
N THR B 184 57.81 -23.42 -2.56
CA THR B 184 58.97 -24.31 -2.64
C THR B 184 59.24 -24.92 -1.24
N LYS B 185 60.47 -25.42 -1.04
CA LYS B 185 60.73 -26.41 -0.01
C LYS B 185 60.31 -25.93 1.38
N LEU B 186 60.63 -24.68 1.74
CA LEU B 186 60.36 -24.20 3.08
C LEU B 186 58.87 -23.95 3.33
N VAL B 187 58.00 -24.13 2.33
CA VAL B 187 56.56 -24.17 2.52
C VAL B 187 55.99 -25.52 2.09
N LYS B 188 56.83 -26.45 1.65
CA LYS B 188 56.36 -27.82 1.48
C LYS B 188 56.07 -28.53 2.83
N ASN B 189 56.13 -27.75 3.90
CA ASN B 189 55.74 -28.14 5.25
C ASN B 189 54.29 -28.57 5.37
N CYS B 190 53.48 -28.39 4.32
CA CYS B 190 52.09 -28.83 4.38
C CYS B 190 51.92 -30.32 4.08
N PHE B 191 52.89 -30.95 3.41
CA PHE B 191 52.73 -32.32 2.94
C PHE B 191 53.50 -33.33 3.78
N LEU B 192 54.55 -32.89 4.46
CA LEU B 192 55.33 -33.77 5.36
C LEU B 192 54.50 -34.67 6.25
N PRO B 193 53.44 -34.20 6.95
CA PRO B 193 52.71 -35.09 7.86
C PRO B 193 51.86 -36.16 7.19
N LEU B 194 52.07 -36.45 5.91
CA LEU B 194 51.38 -37.54 5.24
C LEU B 194 52.32 -38.64 4.78
N ARG B 195 53.61 -38.54 5.14
CA ARG B 195 54.51 -39.68 4.98
C ARG B 195 54.12 -40.82 5.91
N GLU B 196 53.71 -40.49 7.13
CA GLU B 196 53.31 -41.46 8.14
C GLU B 196 52.04 -42.21 7.79
N TYR B 197 51.40 -41.87 6.67
CA TYR B 197 50.15 -42.52 6.26
C TYR B 197 50.26 -43.29 4.96
N PHE B 198 51.32 -43.11 4.17
CA PHE B 198 51.45 -43.73 2.87
C PHE B 198 52.90 -44.12 2.63
N LYS B 199 53.09 -45.07 1.72
CA LYS B 199 54.40 -45.65 1.50
C LYS B 199 55.40 -44.62 0.99
N TYR B 200 56.62 -44.69 1.54
CA TYR B 200 57.74 -43.85 1.12
C TYR B 200 58.53 -44.60 0.05
N PHE B 201 58.99 -43.88 -0.97
CA PHE B 201 59.72 -44.47 -2.08
C PHE B 201 61.16 -43.97 -2.09
N SER B 202 62.10 -44.90 -1.96
CA SER B 202 63.52 -44.55 -1.98
C SER B 202 63.94 -43.93 -3.30
N ALA C 1 -51.55 -3.60 6.54
CA ALA C 1 -50.70 -2.42 6.47
C ALA C 1 -49.79 -2.44 5.25
N GLU C 2 -49.21 -1.30 4.92
CA GLU C 2 -48.28 -1.22 3.81
C GLU C 2 -46.90 -1.69 4.25
N LYS C 3 -46.19 -2.33 3.31
CA LYS C 3 -44.90 -2.91 3.62
C LYS C 3 -43.79 -1.87 3.48
N ARG C 4 -42.76 -2.02 4.31
CA ARG C 4 -41.66 -1.06 4.33
C ARG C 4 -40.82 -1.15 3.07
N LYS C 5 -40.44 0.01 2.53
CA LYS C 5 -39.79 0.14 1.24
C LYS C 5 -38.30 0.37 1.40
N PRO C 6 -37.50 0.02 0.38
CA PRO C 6 -36.06 0.29 0.45
C PRO C 6 -35.78 1.79 0.52
N ILE C 7 -34.62 2.12 1.06
CA ILE C 7 -34.28 3.51 1.35
C ILE C 7 -33.65 4.15 0.14
N ARG C 8 -33.90 5.45 -0.02
CA ARG C 8 -33.37 6.25 -1.11
C ARG C 8 -32.54 7.38 -0.52
N VAL C 9 -31.25 7.41 -0.85
CA VAL C 9 -30.26 8.20 -0.13
C VAL C 9 -29.61 9.19 -1.07
N LEU C 10 -29.54 10.44 -0.63
CA LEU C 10 -28.70 11.47 -1.24
C LEU C 10 -27.56 11.74 -0.27
N SER C 11 -26.32 11.55 -0.71
CA SER C 11 -25.15 11.73 0.13
C SER C 11 -24.25 12.80 -0.47
N LEU C 12 -24.05 13.89 0.27
CA LEU C 12 -23.24 15.01 -0.21
C LEU C 12 -21.85 14.92 0.41
N PHE C 13 -20.82 15.15 -0.40
CA PHE C 13 -19.44 14.99 0.04
C PHE C 13 -19.20 13.55 0.52
N ASP C 14 -19.52 12.59 -0.35
CA ASP C 14 -19.64 11.19 0.07
C ASP C 14 -18.33 10.65 0.63
N GLY C 15 -17.20 11.04 0.05
CA GLY C 15 -15.93 10.52 0.49
C GLY C 15 -15.71 9.08 0.06
N ILE C 16 -15.46 8.19 1.03
CA ILE C 16 -15.22 6.78 0.71
C ILE C 16 -16.48 5.98 1.01
N ALA C 17 -17.64 6.62 0.84
CA ALA C 17 -18.94 5.94 0.85
C ALA C 17 -19.22 5.27 2.19
N THR C 18 -18.79 5.90 3.28
CA THR C 18 -19.00 5.33 4.60
C THR C 18 -20.49 5.14 4.88
N GLY C 19 -21.32 6.04 4.37
CA GLY C 19 -22.74 5.95 4.66
C GLY C 19 -23.37 4.70 4.07
N LEU C 20 -23.06 4.41 2.80
CA LEU C 20 -23.58 3.20 2.18
C LEU C 20 -23.04 1.95 2.87
N LEU C 21 -21.75 1.97 3.24
CA LEU C 21 -21.16 0.84 3.95
C LEU C 21 -21.90 0.55 5.24
N VAL C 22 -22.36 1.60 5.93
CA VAL C 22 -23.06 1.40 7.20
C VAL C 22 -24.48 0.91 6.96
N LEU C 23 -25.17 1.46 5.96
CA LEU C 23 -26.51 0.99 5.63
C LEU C 23 -26.51 -0.50 5.28
N LYS C 24 -25.51 -0.94 4.52
CA LYS C 24 -25.43 -2.35 4.14
C LYS C 24 -25.15 -3.23 5.35
N ASP C 25 -24.22 -2.82 6.22
CA ASP C 25 -23.90 -3.62 7.41
C ASP C 25 -25.10 -3.77 8.34
N LEU C 26 -26.14 -2.94 8.18
CA LEU C 26 -27.32 -3.00 9.03
C LEU C 26 -28.47 -3.74 8.36
N GLY C 27 -28.23 -4.38 7.21
CA GLY C 27 -29.27 -5.08 6.51
C GLY C 27 -30.28 -4.21 5.80
N ILE C 28 -30.13 -2.89 5.89
CA ILE C 28 -31.08 -1.97 5.26
C ILE C 28 -30.95 -2.05 3.75
N GLN C 29 -32.08 -2.22 3.06
CA GLN C 29 -32.09 -2.21 1.60
C GLN C 29 -32.01 -0.77 1.09
N VAL C 30 -31.30 -0.60 -0.02
CA VAL C 30 -31.06 0.71 -0.61
C VAL C 30 -31.43 0.64 -2.08
N ASP C 31 -32.43 1.44 -2.48
CA ASP C 31 -32.84 1.42 -3.89
C ASP C 31 -31.92 2.28 -4.73
N ARG C 32 -31.56 3.47 -4.25
CA ARG C 32 -30.65 4.33 -4.96
C ARG C 32 -29.79 5.10 -3.96
N TYR C 33 -28.54 5.34 -4.33
CA TYR C 33 -27.58 6.03 -3.49
C TYR C 33 -26.82 7.02 -4.37
N ILE C 34 -27.24 8.28 -4.33
CA ILE C 34 -26.73 9.33 -5.19
C ILE C 34 -25.65 10.10 -4.44
N ALA C 35 -24.41 10.03 -4.93
CA ALA C 35 -23.27 10.65 -4.25
C ALA C 35 -22.73 11.83 -5.04
N SER C 36 -22.37 12.88 -4.32
CA SER C 36 -21.67 14.03 -4.88
C SER C 36 -20.27 14.08 -4.30
N GLU C 37 -19.27 14.02 -5.18
CA GLU C 37 -17.87 13.93 -4.75
C GLU C 37 -17.01 14.40 -5.92
N VAL C 38 -15.77 14.79 -5.64
CA VAL C 38 -14.90 15.33 -6.66
C VAL C 38 -13.54 14.62 -6.67
N CYS C 39 -13.10 14.15 -5.50
CA CYS C 39 -11.81 13.49 -5.39
C CYS C 39 -11.86 12.14 -6.08
N GLU C 40 -11.04 11.96 -7.13
CA GLU C 40 -11.05 10.72 -7.90
C GLU C 40 -10.62 9.53 -7.05
N ASP C 41 -9.76 9.75 -6.05
CA ASP C 41 -9.42 8.66 -5.13
C ASP C 41 -10.64 8.21 -4.35
N SER C 42 -11.46 9.17 -3.90
CA SER C 42 -12.66 8.82 -3.14
C SER C 42 -13.67 8.07 -4.02
N ILE C 43 -13.85 8.52 -5.27
CA ILE C 43 -14.79 7.87 -6.17
C ILE C 43 -14.33 6.46 -6.51
N THR C 44 -13.02 6.28 -6.70
CA THR C 44 -12.49 4.95 -6.99
C THR C 44 -12.79 3.99 -5.85
N VAL C 45 -12.58 4.42 -4.60
CA VAL C 45 -12.88 3.56 -3.45
C VAL C 45 -14.33 3.13 -3.47
N GLY C 46 -15.25 4.10 -3.60
CA GLY C 46 -16.66 3.78 -3.59
C GLY C 46 -17.10 2.96 -4.79
N MET C 47 -16.57 3.28 -5.98
CA MET C 47 -16.86 2.50 -7.16
C MET C 47 -16.46 1.03 -6.97
N VAL C 48 -15.28 0.80 -6.38
CA VAL C 48 -14.76 -0.57 -6.27
C VAL C 48 -15.44 -1.32 -5.14
N ARG C 49 -15.51 -0.72 -3.95
CA ARG C 49 -16.00 -1.45 -2.77
C ARG C 49 -17.50 -1.66 -2.81
N HIS C 50 -18.24 -0.94 -3.64
CA HIS C 50 -19.67 -1.13 -3.76
C HIS C 50 -20.08 -1.49 -5.18
N GLN C 51 -19.10 -1.86 -6.02
CA GLN C 51 -19.34 -2.49 -7.32
C GLN C 51 -20.19 -1.61 -8.23
N GLY C 52 -20.12 -0.31 -8.05
CA GLY C 52 -20.82 0.57 -8.97
C GLY C 52 -22.29 0.76 -8.70
N LYS C 53 -22.76 0.44 -7.50
CA LYS C 53 -24.14 0.79 -7.15
C LYS C 53 -24.33 2.30 -7.06
N ILE C 54 -23.30 3.02 -6.62
CA ILE C 54 -23.41 4.45 -6.36
C ILE C 54 -23.52 5.20 -7.69
N MET C 55 -24.47 6.13 -7.75
CA MET C 55 -24.56 7.07 -8.86
C MET C 55 -23.83 8.34 -8.47
N TYR C 56 -22.67 8.58 -9.08
CA TYR C 56 -21.86 9.75 -8.79
C TYR C 56 -22.31 10.91 -9.68
N VAL C 57 -22.56 12.06 -9.06
CA VAL C 57 -23.12 13.20 -9.77
C VAL C 57 -22.17 14.40 -9.78
N GLY C 58 -20.96 14.25 -9.27
CA GLY C 58 -19.95 15.29 -9.42
C GLY C 58 -20.07 16.41 -8.39
N ASP C 59 -19.61 17.59 -8.81
CA ASP C 59 -19.56 18.75 -7.92
C ASP C 59 -20.96 19.09 -7.40
N VAL C 60 -21.05 19.24 -6.07
CA VAL C 60 -22.35 19.48 -5.43
C VAL C 60 -22.97 20.78 -5.93
N ARG C 61 -22.14 21.75 -6.31
CA ARG C 61 -22.67 22.98 -6.89
C ARG C 61 -23.28 22.77 -8.27
N SER C 62 -23.05 21.61 -8.90
CA SER C 62 -23.72 21.24 -10.13
C SER C 62 -25.10 20.63 -9.89
N VAL C 63 -25.42 20.23 -8.66
CA VAL C 63 -26.73 19.68 -8.35
C VAL C 63 -27.72 20.83 -8.17
N THR C 64 -28.82 20.78 -8.91
CA THR C 64 -29.85 21.81 -8.86
C THR C 64 -31.11 21.26 -8.21
N GLN C 65 -32.02 22.17 -7.86
CA GLN C 65 -33.27 21.78 -7.23
C GLN C 65 -34.12 20.94 -8.19
N LYS C 66 -34.03 21.23 -9.48
CA LYS C 66 -34.64 20.38 -10.49
C LYS C 66 -34.17 18.94 -10.32
N HIS C 67 -32.86 18.74 -10.25
CA HIS C 67 -32.32 17.38 -10.13
C HIS C 67 -32.80 16.69 -8.86
N ILE C 68 -32.87 17.44 -7.75
CA ILE C 68 -33.35 16.86 -6.49
C ILE C 68 -34.79 16.38 -6.64
N GLN C 69 -35.62 17.14 -7.36
CA GLN C 69 -37.01 16.74 -7.55
C GLN C 69 -37.11 15.53 -8.46
N GLU C 70 -36.24 15.43 -9.46
CA GLU C 70 -36.32 14.32 -10.42
C GLU C 70 -35.76 13.04 -9.82
N TRP C 71 -34.60 13.12 -9.18
CA TRP C 71 -33.97 11.94 -8.60
C TRP C 71 -34.65 11.47 -7.32
N GLY C 72 -35.59 12.24 -6.78
CA GLY C 72 -36.21 11.91 -5.53
C GLY C 72 -37.50 11.12 -5.70
N PRO C 73 -38.32 11.07 -4.64
CA PRO C 73 -38.01 11.68 -3.34
C PRO C 73 -36.94 10.92 -2.56
N PHE C 74 -36.20 11.63 -1.73
CA PHE C 74 -35.17 11.03 -0.88
C PHE C 74 -35.71 10.83 0.53
N ASP C 75 -35.35 9.70 1.12
CA ASP C 75 -35.72 9.40 2.50
C ASP C 75 -34.62 9.77 3.49
N LEU C 76 -33.41 10.01 3.00
CA LEU C 76 -32.24 10.24 3.85
C LEU C 76 -31.25 11.13 3.10
N VAL C 77 -30.80 12.19 3.75
CA VAL C 77 -29.85 13.14 3.16
C VAL C 77 -28.70 13.32 4.15
N ILE C 78 -27.50 12.89 3.76
CA ILE C 78 -26.35 12.89 4.64
C ILE C 78 -25.19 13.59 3.97
N GLY C 79 -24.33 14.19 4.79
CA GLY C 79 -23.19 14.91 4.27
C GLY C 79 -22.27 15.37 5.36
N GLY C 80 -21.01 15.58 4.98
CA GLY C 80 -20.01 16.13 5.87
C GLY C 80 -19.05 17.02 5.08
N SER C 81 -19.24 18.33 5.17
CA SER C 81 -18.51 19.25 4.33
C SER C 81 -17.06 19.40 4.80
N PRO C 82 -16.18 19.84 3.90
CA PRO C 82 -14.77 20.04 4.29
C PRO C 82 -14.63 20.97 5.49
N CYS C 83 -13.61 20.70 6.30
CA CYS C 83 -13.35 21.47 7.50
C CYS C 83 -11.95 22.08 7.50
N ASN C 84 -11.22 22.01 6.38
CA ASN C 84 -9.88 22.60 6.33
C ASN C 84 -9.92 24.10 6.58
N ASP C 85 -10.98 24.77 6.14
CA ASP C 85 -11.18 26.18 6.40
C ASP C 85 -12.10 26.43 7.58
N LEU C 86 -12.29 25.43 8.45
CA LEU C 86 -13.25 25.54 9.54
C LEU C 86 -12.67 25.26 10.92
N SER C 87 -11.82 24.25 11.05
CA SER C 87 -11.34 23.82 12.36
C SER C 87 -10.07 24.58 12.75
N ILE C 88 -9.95 24.89 14.04
CA ILE C 88 -8.92 25.80 14.55
C ILE C 88 -7.51 25.20 14.45
N VAL C 89 -7.41 23.97 13.94
CA VAL C 89 -6.10 23.37 13.75
C VAL C 89 -5.34 24.04 12.61
N ASN C 90 -6.04 24.70 11.68
CA ASN C 90 -5.43 25.31 10.51
C ASN C 90 -5.25 26.81 10.73
N PRO C 91 -4.04 27.28 11.03
CA PRO C 91 -3.85 28.72 11.27
C PRO C 91 -4.37 29.61 10.16
N ALA C 92 -4.40 29.12 8.93
CA ALA C 92 -4.91 29.88 7.78
C ALA C 92 -6.32 29.46 7.40
N ARG C 93 -7.17 29.17 8.38
CA ARG C 93 -8.55 28.79 8.11
C ARG C 93 -9.32 29.97 7.53
N LYS C 94 -9.92 29.79 6.36
CA LYS C 94 -10.56 30.89 5.66
C LYS C 94 -11.99 31.14 6.13
N GLY C 95 -12.46 30.40 7.13
CA GLY C 95 -13.75 30.66 7.73
C GLY C 95 -14.91 30.06 6.95
N LEU C 96 -16.10 30.18 7.53
CA LEU C 96 -17.31 29.58 6.97
C LEU C 96 -17.65 30.13 5.59
N TYR C 97 -17.32 31.39 5.32
CA TYR C 97 -17.92 32.09 4.19
C TYR C 97 -17.04 32.16 2.95
N GLU C 98 -15.76 31.86 3.06
CA GLU C 98 -14.88 31.80 1.90
C GLU C 98 -14.20 30.44 1.83
N GLY C 99 -13.61 30.15 0.68
CA GLY C 99 -12.85 28.92 0.52
C GLY C 99 -13.76 27.70 0.48
N THR C 100 -13.35 26.65 1.19
CA THR C 100 -14.10 25.40 1.25
C THR C 100 -15.15 25.40 2.35
N GLY C 101 -15.16 26.42 3.21
CA GLY C 101 -16.18 26.48 4.25
C GLY C 101 -17.56 26.74 3.70
N ARG C 102 -17.66 27.65 2.73
CA ARG C 102 -18.95 28.00 2.15
C ARG C 102 -19.63 26.83 1.45
N LEU C 103 -18.88 25.76 1.15
CA LEU C 103 -19.48 24.57 0.58
C LEU C 103 -20.58 23.99 1.48
N PHE C 104 -20.53 24.30 2.77
CA PHE C 104 -21.61 23.87 3.67
C PHE C 104 -22.97 24.36 3.18
N PHE C 105 -23.03 25.57 2.64
CA PHE C 105 -24.31 26.12 2.20
C PHE C 105 -24.91 25.31 1.06
N GLU C 106 -24.08 24.63 0.27
CA GLU C 106 -24.61 23.71 -0.73
C GLU C 106 -25.38 22.58 -0.06
N PHE C 107 -24.90 22.13 1.10
CA PHE C 107 -25.66 21.16 1.88
C PHE C 107 -26.95 21.76 2.41
N TYR C 108 -26.87 22.95 2.99
CA TYR C 108 -28.07 23.65 3.44
C TYR C 108 -29.04 23.87 2.28
N ARG C 109 -28.50 24.21 1.11
CA ARG C 109 -29.35 24.42 -0.07
C ARG C 109 -30.04 23.13 -0.49
N LEU C 110 -29.27 22.07 -0.71
CA LEU C 110 -29.85 20.83 -1.22
C LEU C 110 -30.75 20.16 -0.19
N LEU C 111 -30.44 20.33 1.10
CA LEU C 111 -31.35 19.85 2.13
C LEU C 111 -32.73 20.47 2.00
N HIS C 112 -32.79 21.79 1.76
CA HIS C 112 -34.06 22.47 1.59
C HIS C 112 -34.83 21.94 0.39
N ASP C 113 -34.12 21.56 -0.67
CA ASP C 113 -34.77 21.12 -1.89
C ASP C 113 -35.36 19.72 -1.74
N ALA C 114 -34.68 18.84 -1.00
CA ALA C 114 -35.14 17.47 -0.80
C ALA C 114 -36.19 17.34 0.29
N ARG C 115 -36.37 18.37 1.11
CA ARG C 115 -37.40 18.31 2.15
C ARG C 115 -38.77 18.13 1.51
N PRO C 116 -39.64 17.32 2.11
CA PRO C 116 -41.01 17.20 1.60
C PRO C 116 -41.72 18.54 1.70
N LYS C 117 -42.48 18.87 0.65
CA LYS C 117 -43.32 20.06 0.71
C LYS C 117 -44.32 19.93 1.86
N GLU C 118 -44.78 21.08 2.35
CA GLU C 118 -45.68 21.08 3.50
C GLU C 118 -46.98 20.35 3.17
N GLY C 119 -47.39 19.45 4.06
CA GLY C 119 -48.49 18.55 3.77
C GLY C 119 -48.06 17.15 3.37
N ASP C 120 -46.78 16.80 3.53
CA ASP C 120 -46.23 15.51 3.15
C ASP C 120 -45.55 14.91 4.37
N ASP C 121 -46.32 14.19 5.19
CA ASP C 121 -45.82 13.63 6.44
C ASP C 121 -45.05 12.32 6.22
N ARG C 122 -44.37 12.19 5.08
CA ARG C 122 -43.57 10.99 4.90
C ARG C 122 -42.28 11.08 5.72
N PRO C 123 -41.79 9.96 6.24
CA PRO C 123 -40.55 9.98 7.01
C PRO C 123 -39.40 10.52 6.17
N PHE C 124 -38.68 11.50 6.72
CA PHE C 124 -37.57 12.14 6.04
C PHE C 124 -36.48 12.42 7.06
N PHE C 125 -35.27 11.94 6.79
CA PHE C 125 -34.18 12.01 7.75
C PHE C 125 -32.95 12.62 7.11
N TRP C 126 -32.18 13.35 7.92
CA TRP C 126 -30.98 14.01 7.43
C TRP C 126 -29.94 14.02 8.54
N LEU C 127 -28.67 14.05 8.14
CA LEU C 127 -27.57 14.13 9.10
C LEU C 127 -26.46 14.96 8.51
N PHE C 128 -25.92 15.89 9.31
CA PHE C 128 -24.77 16.67 8.91
C PHE C 128 -23.70 16.59 9.99
N GLU C 129 -22.46 16.35 9.58
CA GLU C 129 -21.34 16.16 10.49
C GLU C 129 -20.28 17.23 10.24
N ASN C 130 -19.68 17.71 11.32
CA ASN C 130 -18.42 18.45 11.25
C ASN C 130 -17.77 18.45 12.62
N VAL C 131 -16.52 18.91 12.66
CA VAL C 131 -15.71 18.88 13.87
C VAL C 131 -16.30 19.75 14.96
N VAL C 132 -15.70 19.70 16.15
CA VAL C 132 -16.01 20.64 17.21
C VAL C 132 -14.93 21.69 17.38
N ALA C 133 -13.73 21.45 16.87
CA ALA C 133 -12.64 22.42 16.94
C ALA C 133 -12.84 23.54 15.94
N MET C 134 -14.09 23.98 15.78
CA MET C 134 -14.43 25.12 14.94
C MET C 134 -14.65 26.37 15.79
N GLY C 135 -14.73 27.51 15.13
CA GLY C 135 -14.99 28.75 15.84
C GLY C 135 -16.41 28.79 16.39
N VAL C 136 -16.57 29.55 17.48
CA VAL C 136 -17.86 29.60 18.17
C VAL C 136 -18.94 30.17 17.25
N SER C 137 -18.57 31.16 16.42
CA SER C 137 -19.55 31.83 15.57
C SER C 137 -19.91 30.96 14.38
N ASP C 138 -18.95 30.22 13.84
CA ASP C 138 -19.26 29.38 12.69
C ASP C 138 -20.05 28.15 13.12
N LYS C 139 -19.93 27.74 14.39
CA LYS C 139 -20.83 26.72 14.91
C LYS C 139 -22.26 27.24 14.99
N ARG C 140 -22.45 28.44 15.53
CA ARG C 140 -23.81 28.97 15.66
C ARG C 140 -24.40 29.33 14.31
N ASP C 141 -23.58 29.77 13.35
CA ASP C 141 -24.12 30.10 12.03
C ASP C 141 -24.65 28.85 11.34
N ILE C 142 -23.87 27.76 11.36
CA ILE C 142 -24.32 26.49 10.82
C ILE C 142 -25.60 26.04 11.52
N SER C 143 -25.62 26.14 12.86
CA SER C 143 -26.81 25.75 13.62
C SER C 143 -28.00 26.64 13.27
N ARG C 144 -27.76 27.90 12.92
CA ARG C 144 -28.87 28.77 12.53
C ARG C 144 -29.27 28.60 11.07
N PHE C 145 -28.37 28.08 10.22
CA PHE C 145 -28.75 27.80 8.85
C PHE C 145 -29.43 26.43 8.73
N LEU C 146 -29.15 25.53 9.65
CA LEU C 146 -29.86 24.26 9.74
C LEU C 146 -31.04 24.31 10.68
N GLU C 147 -31.14 25.36 11.50
CA GLU C 147 -32.24 25.55 12.45
C GLU C 147 -32.26 24.47 13.53
N SER C 148 -31.10 23.92 13.86
CA SER C 148 -30.99 22.94 14.93
C SER C 148 -29.59 22.99 15.51
N ASN C 149 -29.47 22.54 16.74
CA ASN C 149 -28.16 22.53 17.37
C ASN C 149 -27.54 21.13 17.31
N PRO C 150 -26.22 21.02 17.31
CA PRO C 150 -25.58 19.74 17.08
C PRO C 150 -25.53 18.87 18.34
N VAL C 151 -25.25 17.60 18.10
CA VAL C 151 -24.87 16.65 19.14
C VAL C 151 -23.42 16.28 18.90
N MET C 152 -22.61 16.35 19.95
CA MET C 152 -21.23 15.92 19.85
C MET C 152 -21.13 14.47 20.30
N ILE C 153 -20.60 13.63 19.43
CA ILE C 153 -20.35 12.23 19.71
C ILE C 153 -18.88 11.97 19.49
N ASP C 154 -18.19 11.52 20.53
CA ASP C 154 -16.78 11.16 20.43
C ASP C 154 -16.67 9.67 20.13
N ALA C 155 -16.02 9.35 19.00
CA ALA C 155 -15.75 7.96 18.66
C ALA C 155 -14.98 7.22 19.75
N LYS C 156 -14.40 7.93 20.72
CA LYS C 156 -13.67 7.29 21.80
C LYS C 156 -14.53 6.28 22.56
N GLU C 157 -15.84 6.47 22.56
CA GLU C 157 -16.73 5.58 23.30
C GLU C 157 -16.98 4.27 22.57
N VAL C 158 -16.67 4.18 21.29
CA VAL C 158 -16.97 2.99 20.49
C VAL C 158 -15.79 2.53 19.65
N SER C 159 -14.63 3.20 19.75
CA SER C 159 -13.48 2.85 18.94
C SER C 159 -12.22 3.06 19.78
N ALA C 160 -11.06 2.92 19.14
CA ALA C 160 -9.77 3.06 19.80
C ALA C 160 -9.13 4.43 19.53
N ALA C 161 -9.91 5.43 19.16
CA ALA C 161 -9.38 6.76 18.89
C ALA C 161 -10.36 7.83 19.37
N HIS C 162 -9.80 8.94 19.85
CA HIS C 162 -10.60 10.11 20.12
C HIS C 162 -11.08 10.70 18.80
N ARG C 163 -12.32 11.20 18.81
CA ARG C 163 -12.85 11.92 17.66
C ARG C 163 -14.11 12.70 18.05
N ALA C 164 -13.93 13.86 18.69
CA ALA C 164 -15.05 14.71 19.02
C ALA C 164 -15.61 15.35 17.76
N ARG C 165 -16.84 15.00 17.40
CA ARG C 165 -17.46 15.49 16.18
C ARG C 165 -18.88 15.96 16.48
N TYR C 166 -19.30 17.01 15.77
CA TYR C 166 -20.66 17.52 15.88
C TYR C 166 -21.57 16.83 14.86
N PHE C 167 -22.81 16.58 15.27
CA PHE C 167 -23.79 15.94 14.40
C PHE C 167 -25.10 16.71 14.48
N TRP C 168 -25.51 17.30 13.35
CA TRP C 168 -26.82 17.92 13.21
C TRP C 168 -27.74 16.95 12.47
N GLY C 169 -28.98 16.89 12.89
CA GLY C 169 -29.93 16.05 12.19
C GLY C 169 -31.12 15.69 13.05
N ASN C 170 -31.99 14.86 12.47
CA ASN C 170 -33.26 14.46 13.07
C ASN C 170 -33.38 12.95 13.19
N LEU C 171 -32.25 12.25 13.23
CA LEU C 171 -32.30 10.79 13.30
C LEU C 171 -32.92 10.35 14.63
N PRO C 172 -33.79 9.34 14.62
CA PRO C 172 -34.43 8.90 15.87
C PRO C 172 -33.39 8.49 16.90
N GLY C 173 -33.58 8.97 18.13
CA GLY C 173 -32.66 8.64 19.21
C GLY C 173 -31.24 9.07 18.99
N MET C 174 -30.99 10.01 18.07
CA MET C 174 -29.59 10.39 17.85
C MET C 174 -29.00 11.22 19.00
N ASN C 175 -29.70 11.27 20.14
CA ASN C 175 -29.18 11.82 21.38
C ASN C 175 -29.14 10.81 22.50
N ARG C 176 -29.64 9.58 22.28
CA ARG C 176 -29.60 8.56 23.31
C ARG C 176 -28.15 8.20 23.65
N PRO C 177 -27.91 7.72 24.86
CA PRO C 177 -26.52 7.42 25.26
C PRO C 177 -25.92 6.34 24.37
N LEU C 178 -24.71 6.61 23.87
CA LEU C 178 -24.01 5.64 23.03
C LEU C 178 -23.47 4.50 23.88
N ALA C 179 -23.76 3.26 23.46
CA ALA C 179 -23.39 2.07 24.22
C ALA C 179 -22.50 1.19 23.36
N SER C 180 -21.43 0.67 23.95
CA SER C 180 -20.54 -0.24 23.24
C SER C 180 -21.21 -1.60 23.06
N THR C 181 -20.68 -2.38 22.11
CA THR C 181 -21.23 -3.71 21.83
C THR C 181 -20.13 -4.69 21.47
N VAL C 182 -20.56 -5.92 21.20
CA VAL C 182 -19.67 -7.00 20.79
C VAL C 182 -18.68 -6.56 19.71
N ASN C 183 -19.17 -5.81 18.71
CA ASN C 183 -18.46 -5.62 17.46
C ASN C 183 -17.46 -4.47 17.50
N ASP C 184 -17.49 -3.66 18.55
CA ASP C 184 -16.68 -2.46 18.65
C ASP C 184 -15.32 -2.80 19.26
N LYS C 185 -14.27 -2.35 18.61
CA LYS C 185 -12.90 -2.52 19.08
C LYS C 185 -12.52 -1.28 19.86
N LEU C 186 -12.71 -1.35 21.18
CA LEU C 186 -12.40 -0.21 22.05
C LEU C 186 -10.92 -0.04 22.31
N GLU C 187 -10.12 -1.09 22.14
CA GLU C 187 -8.71 -1.06 22.50
C GLU C 187 -7.84 -1.08 21.25
N LEU C 188 -6.76 -0.30 21.28
CA LEU C 188 -5.84 -0.25 20.15
C LEU C 188 -5.27 -1.64 19.85
N GLN C 189 -5.00 -2.43 20.88
CA GLN C 189 -4.43 -3.76 20.71
C GLN C 189 -5.26 -4.60 19.74
N GLU C 190 -6.58 -4.47 19.79
CA GLU C 190 -7.46 -5.29 18.94
C GLU C 190 -7.51 -4.85 17.48
N CYS C 191 -6.76 -3.81 17.10
CA CYS C 191 -6.71 -3.31 15.72
C CYS C 191 -5.35 -3.46 15.08
N LEU C 192 -4.37 -4.00 15.79
CA LEU C 192 -3.03 -4.17 15.27
C LEU C 192 -2.93 -5.49 14.52
N GLU C 193 -2.02 -5.52 13.54
CA GLU C 193 -1.68 -6.78 12.91
C GLU C 193 -0.87 -7.65 13.87
N HIS C 194 -0.78 -8.94 13.53
CA HIS C 194 -0.16 -9.90 14.45
C HIS C 194 1.29 -9.54 14.72
N GLY C 195 1.72 -9.76 15.96
CA GLY C 195 3.09 -9.51 16.35
C GLY C 195 3.41 -8.10 16.76
N ARG C 196 2.43 -7.20 16.78
CA ARG C 196 2.63 -5.80 17.13
C ARG C 196 1.93 -5.49 18.44
N ILE C 197 2.63 -4.77 19.32
CA ILE C 197 2.16 -4.50 20.68
C ILE C 197 1.65 -3.08 20.77
N ALA C 198 0.43 -2.92 21.28
CA ALA C 198 -0.13 -1.59 21.51
C ALA C 198 0.47 -0.99 22.77
N LYS C 199 0.88 0.28 22.68
CA LYS C 199 1.39 0.97 23.85
C LYS C 199 0.28 1.60 24.67
N PHE C 200 -0.80 2.02 24.02
CA PHE C 200 -1.91 2.69 24.67
C PHE C 200 -3.20 2.00 24.28
N SER C 201 -4.27 2.33 25.01
CA SER C 201 -5.59 1.84 24.69
C SER C 201 -6.30 2.69 23.66
N LYS C 202 -6.02 4.00 23.64
CA LYS C 202 -6.65 4.92 22.71
C LYS C 202 -5.59 5.78 22.03
N VAL C 203 -5.92 6.26 20.84
CA VAL C 203 -5.06 7.14 20.05
C VAL C 203 -5.77 8.48 19.92
N ARG C 204 -4.99 9.57 19.97
CA ARG C 204 -5.57 10.88 19.75
C ARG C 204 -6.10 10.99 18.31
N THR C 205 -6.89 12.04 18.07
CA THR C 205 -7.62 12.17 16.81
C THR C 205 -6.69 12.01 15.61
N ILE C 206 -7.14 11.23 14.63
CA ILE C 206 -6.37 10.93 13.43
C ILE C 206 -6.84 11.86 12.32
N THR C 207 -5.92 12.64 11.79
CA THR C 207 -6.18 13.56 10.69
C THR C 207 -5.46 13.08 9.43
N THR C 208 -5.47 13.92 8.40
CA THR C 208 -4.73 13.59 7.19
C THR C 208 -3.23 13.67 7.41
N ARG C 209 -2.77 14.39 8.43
CA ARG C 209 -1.35 14.60 8.64
C ARG C 209 -0.71 13.40 9.30
N SER C 210 0.45 12.99 8.80
CA SER C 210 1.07 11.73 9.19
C SER C 210 1.23 11.61 10.69
N ASN C 211 1.85 12.62 11.32
CA ASN C 211 2.29 12.52 12.69
C ASN C 211 1.24 12.96 13.70
N SER C 212 -0.03 12.88 13.30
CA SER C 212 -1.13 12.79 14.24
C SER C 212 -1.25 11.40 14.83
N ILE C 213 -0.39 10.48 14.40
CA ILE C 213 -0.40 9.11 14.92
C ILE C 213 0.45 8.97 16.18
N LYS C 214 1.43 9.84 16.39
CA LYS C 214 2.20 9.83 17.62
C LYS C 214 1.44 10.59 18.70
N GLN C 215 1.34 10.00 19.88
CA GLN C 215 0.59 10.64 20.94
C GLN C 215 1.43 11.69 21.65
N GLY C 216 0.74 12.66 22.24
CA GLY C 216 1.38 13.68 23.05
C GLY C 216 2.23 14.67 22.28
N LYS C 217 2.73 15.69 22.97
CA LYS C 217 3.65 16.64 22.35
C LYS C 217 5.01 16.01 22.05
N ASP C 218 5.32 14.87 22.66
CA ASP C 218 6.67 14.32 22.65
C ASP C 218 6.87 13.22 21.61
N GLN C 219 5.95 13.06 20.66
CA GLN C 219 6.10 12.10 19.56
C GLN C 219 6.24 10.67 20.12
N HIS C 220 5.11 10.14 20.58
CA HIS C 220 5.06 8.77 21.09
C HIS C 220 4.57 7.84 19.98
N PHE C 221 5.50 7.08 19.39
CA PHE C 221 5.10 5.94 18.56
C PHE C 221 4.15 5.07 19.36
N PRO C 222 2.97 4.73 18.82
CA PRO C 222 1.99 3.98 19.61
C PRO C 222 2.19 2.48 19.62
N VAL C 223 3.14 1.93 18.86
CA VAL C 223 3.27 0.48 18.72
C VAL C 223 4.74 0.07 18.83
N PHE C 224 4.96 -1.07 19.49
CA PHE C 224 6.23 -1.78 19.47
C PHE C 224 6.13 -2.92 18.46
N MET C 225 7.14 -3.07 17.61
CA MET C 225 7.27 -4.26 16.78
C MET C 225 8.73 -4.71 16.79
N ASN C 226 8.98 -5.91 17.30
CA ASN C 226 10.33 -6.47 17.43
C ASN C 226 11.13 -5.52 18.32
N GLU C 227 12.35 -5.16 17.97
CA GLU C 227 13.21 -4.33 18.82
C GLU C 227 13.03 -2.84 18.59
N LYS C 228 11.97 -2.43 17.89
CA LYS C 228 11.80 -1.04 17.49
C LYS C 228 10.36 -0.60 17.73
N GLU C 229 10.19 0.71 17.87
CA GLU C 229 8.87 1.31 17.88
C GLU C 229 8.42 1.60 16.45
N ASP C 230 7.12 1.84 16.30
CA ASP C 230 6.54 1.99 14.97
C ASP C 230 5.28 2.84 15.04
N ILE C 231 4.86 3.32 13.88
CA ILE C 231 3.61 4.06 13.74
C ILE C 231 2.51 3.08 13.35
N LEU C 232 1.27 3.56 13.30
CA LEU C 232 0.17 2.73 12.85
C LEU C 232 0.23 2.54 11.34
N TRP C 233 0.01 1.32 10.88
CA TRP C 233 -0.07 1.06 9.46
C TRP C 233 -1.44 1.47 8.93
N CYS C 234 -1.51 1.60 7.60
CA CYS C 234 -2.77 1.93 6.94
C CYS C 234 -3.88 0.95 7.33
N THR C 235 -3.58 -0.35 7.22
CA THR C 235 -4.56 -1.37 7.56
C THR C 235 -5.11 -1.18 8.97
N GLU C 236 -4.25 -0.76 9.90
CA GLU C 236 -4.66 -0.65 11.29
C GLU C 236 -5.44 0.64 11.54
N MET C 237 -5.17 1.69 10.77
CA MET C 237 -5.99 2.89 10.85
C MET C 237 -7.42 2.62 10.39
N GLU C 238 -7.57 1.86 9.29
CA GLU C 238 -8.90 1.42 8.87
C GLU C 238 -9.63 0.71 10.00
N ARG C 239 -8.92 -0.15 10.73
CA ARG C 239 -9.54 -0.86 11.85
C ARG C 239 -9.89 0.10 12.98
N VAL C 240 -9.05 1.09 13.22
CA VAL C 240 -9.36 2.07 14.28
C VAL C 240 -10.61 2.86 13.93
N PHE C 241 -10.79 3.18 12.64
CA PHE C 241 -11.98 3.86 12.18
C PHE C 241 -13.21 2.95 12.11
N GLY C 242 -13.00 1.64 12.06
CA GLY C 242 -14.09 0.69 11.95
C GLY C 242 -14.39 0.22 10.53
N PHE C 243 -13.55 0.56 9.56
CA PHE C 243 -13.71 0.08 8.19
C PHE C 243 -13.20 -1.35 8.08
N PRO C 244 -13.60 -2.07 7.02
CA PRO C 244 -12.98 -3.37 6.77
C PRO C 244 -11.53 -3.20 6.39
N VAL C 245 -10.69 -4.15 6.83
CA VAL C 245 -9.27 -4.11 6.50
C VAL C 245 -9.13 -4.11 4.98
N HIS C 246 -8.25 -3.23 4.48
CA HIS C 246 -7.96 -3.05 3.05
C HIS C 246 -9.08 -2.37 2.28
N TYR C 247 -10.03 -1.73 2.98
CA TYR C 247 -11.07 -0.94 2.31
C TYR C 247 -10.46 0.04 1.33
N THR C 248 -9.42 0.76 1.74
CA THR C 248 -8.82 1.80 0.94
C THR C 248 -7.66 1.33 0.09
N ASP C 249 -7.38 0.02 0.08
CA ASP C 249 -6.30 -0.52 -0.73
C ASP C 249 -6.75 -0.62 -2.19
N VAL C 250 -6.87 0.55 -2.82
CA VAL C 250 -7.29 0.63 -4.22
C VAL C 250 -6.40 1.63 -4.96
N SER C 251 -6.23 1.38 -6.26
CA SER C 251 -5.64 2.34 -7.20
C SER C 251 -4.22 2.76 -6.82
N ASN C 252 -3.42 1.84 -6.26
CA ASN C 252 -2.01 2.09 -5.97
C ASN C 252 -1.81 3.29 -5.05
N MET C 253 -2.80 3.59 -4.22
CA MET C 253 -2.70 4.74 -3.34
C MET C 253 -1.61 4.53 -2.29
N SER C 254 -0.79 5.57 -2.10
CA SER C 254 0.21 5.56 -1.05
C SER C 254 -0.46 5.43 0.32
N HIS C 255 0.35 5.12 1.33
CA HIS C 255 -0.18 5.07 2.68
C HIS C 255 -0.62 6.46 3.15
N LEU C 256 -0.07 7.52 2.55
CA LEU C 256 -0.51 8.88 2.86
C LEU C 256 -1.77 9.26 2.08
N ALA C 257 -1.84 8.87 0.81
CA ALA C 257 -3.09 9.05 0.06
C ALA C 257 -4.24 8.33 0.74
N ARG C 258 -3.96 7.20 1.39
CA ARG C 258 -4.99 6.50 2.13
C ARG C 258 -5.31 7.21 3.44
N GLN C 259 -4.29 7.75 4.12
CA GLN C 259 -4.54 8.47 5.37
C GLN C 259 -5.29 9.77 5.13
N ARG C 260 -5.12 10.38 3.96
CA ARG C 260 -5.94 11.52 3.59
C ARG C 260 -7.41 11.14 3.58
N LEU C 261 -7.75 10.01 2.96
CA LEU C 261 -9.13 9.57 2.89
C LEU C 261 -9.68 9.22 4.26
N LEU C 262 -8.93 8.43 5.04
CA LEU C 262 -9.36 8.07 6.38
C LEU C 262 -9.46 9.29 7.29
N GLY C 263 -8.46 10.16 7.25
CA GLY C 263 -8.44 11.33 8.11
C GLY C 263 -9.63 12.25 7.96
N ARG C 264 -10.29 12.23 6.80
CA ARG C 264 -11.46 13.05 6.55
C ARG C 264 -12.77 12.32 6.78
N SER C 265 -12.74 10.99 6.91
CA SER C 265 -13.96 10.19 6.89
C SER C 265 -14.61 10.19 8.27
N TRP C 266 -15.57 9.30 8.44
CA TRP C 266 -16.32 9.13 9.69
C TRP C 266 -15.81 7.92 10.45
N SER C 267 -16.09 7.90 11.74
CA SER C 267 -15.98 6.67 12.51
C SER C 267 -17.17 5.79 12.18
N VAL C 268 -16.90 4.61 11.60
CA VAL C 268 -17.99 3.72 11.20
C VAL C 268 -18.89 3.34 12.38
N PRO C 269 -18.37 2.90 13.53
CA PRO C 269 -19.28 2.53 14.63
C PRO C 269 -20.16 3.67 15.10
N VAL C 270 -19.68 4.92 15.03
CA VAL C 270 -20.51 6.05 15.39
C VAL C 270 -21.67 6.20 14.42
N ILE C 271 -21.36 6.23 13.12
CA ILE C 271 -22.41 6.30 12.10
C ILE C 271 -23.33 5.09 12.21
N ARG C 272 -22.80 3.92 12.56
CA ARG C 272 -23.65 2.74 12.72
C ARG C 272 -24.69 2.96 13.82
N HIS C 273 -24.29 3.57 14.94
CA HIS C 273 -25.26 3.84 15.99
C HIS C 273 -26.31 4.85 15.52
N LEU C 274 -25.89 5.88 14.79
CA LEU C 274 -26.82 6.90 14.34
C LEU C 274 -27.79 6.36 13.30
N PHE C 275 -27.35 5.41 12.47
CA PHE C 275 -28.20 4.85 11.42
C PHE C 275 -29.08 3.71 11.93
N ALA C 276 -28.65 3.00 12.96
CA ALA C 276 -29.36 1.81 13.42
C ALA C 276 -30.86 2.01 13.64
N PRO C 277 -31.36 3.12 14.18
CA PRO C 277 -32.82 3.28 14.30
C PRO C 277 -33.56 3.26 12.97
N LEU C 278 -32.90 3.56 11.86
CA LEU C 278 -33.56 3.53 10.56
C LEU C 278 -34.03 2.13 10.17
N LYS C 279 -33.58 1.08 10.86
CA LYS C 279 -33.98 -0.29 10.51
C LYS C 279 -35.49 -0.48 10.63
N GLU C 280 -36.14 0.29 11.50
CA GLU C 280 -37.58 0.16 11.72
C GLU C 280 -38.40 0.99 10.74
N TYR C 281 -37.78 1.70 9.81
CA TYR C 281 -38.51 2.52 8.85
C TYR C 281 -38.40 2.05 7.41
N PHE C 282 -37.45 1.17 7.10
CA PHE C 282 -37.22 0.73 5.73
C PHE C 282 -36.97 -0.76 5.70
N ALA C 283 -37.18 -1.35 4.53
CA ALA C 283 -37.04 -2.78 4.36
C ALA C 283 -35.62 -3.23 4.68
N CYS C 284 -35.52 -4.37 5.35
CA CYS C 284 -34.25 -4.98 5.67
C CYS C 284 -34.16 -6.34 5.00
N VAL C 285 -33.04 -7.03 5.21
CA VAL C 285 -32.74 -8.29 4.53
C VAL C 285 -33.86 -9.32 4.71
N ARG D 10 -56.70 46.16 -3.55
CA ARG D 10 -55.25 46.16 -3.45
C ARG D 10 -54.79 46.75 -2.12
N GLN D 11 -54.72 45.91 -1.09
CA GLN D 11 -54.35 46.27 0.27
C GLN D 11 -52.93 46.82 0.33
N PRO D 12 -52.50 47.41 1.47
CA PRO D 12 -51.10 47.88 1.56
C PRO D 12 -50.08 46.77 1.51
N VAL D 13 -48.83 47.08 1.84
CA VAL D 13 -47.72 46.15 1.68
C VAL D 13 -46.95 46.04 2.99
N ARG D 14 -46.61 44.80 3.35
CA ARG D 14 -45.72 44.47 4.45
C ARG D 14 -44.43 43.88 3.88
N VAL D 15 -43.29 44.51 4.16
CA VAL D 15 -42.02 44.19 3.49
C VAL D 15 -40.85 44.27 4.46
N LEU D 16 -40.06 43.18 4.53
CA LEU D 16 -38.83 43.13 5.32
C LEU D 16 -37.69 43.74 4.51
N SER D 17 -37.00 44.71 5.10
CA SER D 17 -35.72 45.17 4.58
C SER D 17 -34.61 44.68 5.49
N LEU D 18 -33.55 44.14 4.90
CA LEU D 18 -32.42 43.65 5.67
C LEU D 18 -31.15 44.31 5.16
N PHE D 19 -30.30 44.74 6.11
CA PHE D 19 -29.00 45.34 5.86
C PHE D 19 -29.12 46.77 5.34
N GLU D 20 -30.27 47.13 4.76
CA GLU D 20 -30.49 48.47 4.24
C GLU D 20 -31.85 48.98 4.70
N ASP D 21 -31.86 50.20 5.26
CA ASP D 21 -33.10 50.87 5.64
C ASP D 21 -33.68 51.51 4.39
N ILE D 22 -34.73 50.91 3.84
CA ILE D 22 -35.33 51.35 2.59
C ILE D 22 -36.35 52.45 2.88
N LYS D 23 -36.35 52.95 4.13
CA LYS D 23 -37.27 54.03 4.48
C LYS D 23 -37.02 55.30 3.66
N LYS D 24 -35.88 55.40 2.98
CA LYS D 24 -35.57 56.60 2.20
C LYS D 24 -36.50 56.75 1.00
N GLU D 25 -36.69 55.68 0.23
CA GLU D 25 -37.51 55.72 -0.98
C GLU D 25 -38.82 54.95 -0.86
N LEU D 26 -39.15 54.41 0.32
CA LEU D 26 -40.44 53.77 0.54
C LEU D 26 -41.56 54.74 0.23
N THR D 27 -41.64 55.81 1.01
CA THR D 27 -42.68 56.81 0.80
C THR D 27 -42.70 57.37 -0.61
N SER D 28 -41.53 57.57 -1.20
CA SER D 28 -41.45 58.37 -2.42
C SER D 28 -42.10 57.67 -3.61
N LEU D 29 -42.02 56.33 -3.64
CA LEU D 29 -42.60 55.57 -4.74
C LEU D 29 -44.12 55.48 -4.64
N GLY D 30 -44.69 55.62 -3.45
CA GLY D 30 -46.14 55.56 -3.29
C GLY D 30 -46.60 54.60 -2.22
N PHE D 31 -45.65 54.09 -1.42
CA PHE D 31 -45.99 53.16 -0.35
C PHE D 31 -45.63 53.70 1.02
CA PRO D 38 -47.10 54.28 13.37
C PRO D 38 -46.64 53.87 11.99
N GLY D 39 -45.79 52.85 11.90
CA GLY D 39 -45.29 52.36 10.64
C GLY D 39 -45.56 50.87 10.50
N GLN D 40 -45.26 50.36 9.30
CA GLN D 40 -45.52 48.96 8.98
C GLN D 40 -44.43 48.39 8.08
N LEU D 41 -43.19 48.82 8.30
CA LEU D 41 -42.03 48.20 7.70
C LEU D 41 -41.15 47.65 8.82
N LYS D 42 -40.55 46.50 8.58
CA LYS D 42 -39.58 45.94 9.51
C LYS D 42 -38.20 45.93 8.85
N HIS D 43 -37.19 46.29 9.63
CA HIS D 43 -35.82 46.42 9.13
C HIS D 43 -34.89 45.77 10.15
N VAL D 44 -34.12 44.78 9.71
CA VAL D 44 -33.23 44.01 10.58
C VAL D 44 -31.80 44.38 10.26
N VAL D 45 -30.97 44.45 11.31
CA VAL D 45 -29.58 44.87 11.17
C VAL D 45 -28.68 43.64 11.10
N ASP D 46 -28.32 43.09 12.27
CA ASP D 46 -27.47 41.91 12.36
C ASP D 46 -28.37 40.69 12.53
N VAL D 47 -28.48 39.90 11.45
CA VAL D 47 -29.41 38.76 11.45
C VAL D 47 -28.85 37.52 12.10
N THR D 48 -27.63 37.57 12.63
CA THR D 48 -26.98 36.37 13.16
C THR D 48 -27.80 35.67 14.25
N ASP D 49 -28.75 36.38 14.87
CA ASP D 49 -29.54 35.80 15.94
C ASP D 49 -31.01 35.69 15.58
N THR D 50 -31.40 36.13 14.39
CA THR D 50 -32.75 35.91 13.89
C THR D 50 -33.02 34.42 13.72
N VAL D 51 -34.27 34.02 13.94
CA VAL D 51 -34.71 32.65 13.68
C VAL D 51 -36.01 32.68 12.90
N ARG D 52 -36.66 31.52 12.77
CA ARG D 52 -37.94 31.47 12.10
C ARG D 52 -39.02 32.18 12.91
N LYS D 53 -39.09 31.92 14.22
CA LYS D 53 -40.14 32.50 15.04
C LYS D 53 -40.11 34.03 15.00
N ASP D 54 -38.92 34.62 14.97
CA ASP D 54 -38.80 36.07 14.90
C ASP D 54 -39.45 36.62 13.65
N VAL D 55 -39.00 36.13 12.48
CA VAL D 55 -39.58 36.58 11.21
C VAL D 55 -41.08 36.27 11.16
N GLU D 56 -41.49 35.14 11.75
CA GLU D 56 -42.89 34.74 11.67
C GLU D 56 -43.78 35.64 12.54
N GLU D 57 -43.34 35.94 13.76
CA GLU D 57 -44.16 36.80 14.62
C GLU D 57 -44.17 38.23 14.13
N TRP D 58 -43.20 38.64 13.29
CA TRP D 58 -43.19 39.97 12.72
C TRP D 58 -44.26 40.17 11.66
N GLY D 59 -45.28 39.33 11.61
CA GLY D 59 -46.36 39.51 10.67
C GLY D 59 -46.06 38.95 9.31
N PRO D 60 -47.09 38.67 8.52
CA PRO D 60 -46.88 38.18 7.16
C PRO D 60 -46.49 39.31 6.21
N PHE D 61 -45.64 38.96 5.25
CA PHE D 61 -45.04 39.94 4.35
C PHE D 61 -45.38 39.59 2.90
N ASP D 62 -45.16 40.54 1.99
CA ASP D 62 -45.39 40.33 0.57
C ASP D 62 -44.23 40.71 -0.34
N LEU D 63 -43.21 41.37 0.18
CA LEU D 63 -41.93 41.42 -0.51
C LEU D 63 -40.87 41.39 0.58
N VAL D 64 -39.65 40.95 0.22
CA VAL D 64 -38.52 40.93 1.14
C VAL D 64 -37.30 41.44 0.38
N TYR D 65 -36.60 42.40 0.98
CA TYR D 65 -35.53 43.11 0.30
C TYR D 65 -34.25 42.98 1.10
N GLY D 66 -33.17 42.61 0.42
CA GLY D 66 -31.86 42.58 1.02
C GLY D 66 -30.87 43.32 0.15
N ALA D 67 -29.84 43.86 0.80
CA ALA D 67 -28.88 44.70 0.09
C ALA D 67 -27.49 44.49 0.67
N THR D 68 -26.51 44.41 -0.20
CA THR D 68 -25.13 44.42 0.24
C THR D 68 -24.69 45.85 0.50
N PRO D 69 -23.78 46.06 1.47
CA PRO D 69 -23.39 47.43 1.80
C PRO D 69 -22.63 48.07 0.64
N PRO D 70 -22.68 49.39 0.52
CA PRO D 70 -21.92 50.07 -0.53
C PRO D 70 -20.42 49.93 -0.33
N LEU D 71 -19.69 50.05 -1.43
CA LEU D 71 -18.26 49.78 -1.44
C LEU D 71 -17.50 50.77 -0.56
N GLY D 72 -16.32 50.34 -0.12
CA GLY D 72 -15.44 51.18 0.67
C GLY D 72 -15.29 50.77 2.10
N HIS D 73 -16.41 50.49 2.76
CA HIS D 73 -16.41 50.17 4.19
C HIS D 73 -15.67 48.86 4.49
N ASP D 76 -16.45 45.42 5.33
CA ASP D 76 -16.60 45.26 6.77
C ASP D 76 -16.58 43.76 7.16
N ARG D 77 -17.42 42.95 6.51
CA ARG D 77 -17.55 41.52 6.76
C ARG D 77 -17.91 40.84 5.44
N PRO D 78 -17.70 39.51 5.34
CA PRO D 78 -17.65 38.83 4.01
C PRO D 78 -18.82 39.20 3.12
N PRO D 79 -18.56 39.48 1.84
CA PRO D 79 -19.65 39.90 0.93
C PRO D 79 -20.74 38.84 0.73
N SER D 80 -20.40 37.55 0.80
CA SER D 80 -21.42 36.51 0.63
C SER D 80 -22.17 36.23 1.92
N TRP D 81 -21.69 36.75 3.06
CA TRP D 81 -22.44 36.64 4.31
C TRP D 81 -23.82 37.25 4.15
N TYR D 82 -23.92 38.35 3.41
CA TYR D 82 -25.22 38.99 3.21
C TYR D 82 -26.13 38.13 2.36
N LEU D 83 -25.60 37.50 1.31
CA LEU D 83 -26.42 36.68 0.44
C LEU D 83 -27.00 35.48 1.19
N PHE D 84 -26.14 34.70 1.85
CA PHE D 84 -26.61 33.52 2.58
C PHE D 84 -27.64 33.90 3.63
N GLN D 85 -27.33 34.94 4.44
CA GLN D 85 -28.27 35.39 5.45
C GLN D 85 -29.56 35.91 4.82
N PHE D 86 -29.46 36.51 3.63
CA PHE D 86 -30.67 36.89 2.91
C PHE D 86 -31.45 35.65 2.47
N HIS D 87 -30.74 34.63 2.00
CA HIS D 87 -31.41 33.43 1.50
C HIS D 87 -32.20 32.74 2.62
N ARG D 88 -31.61 32.64 3.82
CA ARG D 88 -32.29 31.91 4.88
C ARG D 88 -33.52 32.65 5.38
N LEU D 89 -33.48 33.99 5.39
CA LEU D 89 -34.65 34.74 5.85
C LEU D 89 -35.77 34.75 4.81
N LEU D 90 -35.41 34.78 3.52
CA LEU D 90 -36.43 34.73 2.47
C LEU D 90 -37.24 33.45 2.56
N GLN D 91 -36.57 32.31 2.80
CA GLN D 91 -37.29 31.06 2.97
C GLN D 91 -38.15 31.09 4.23
N TYR D 92 -37.71 31.80 5.27
CA TYR D 92 -38.53 31.95 6.46
C TYR D 92 -39.80 32.76 6.17
N ALA D 93 -39.75 33.68 5.21
CA ALA D 93 -40.85 34.58 4.94
C ALA D 93 -41.76 34.13 3.80
N ARG D 94 -41.41 33.05 3.11
CA ARG D 94 -42.27 32.57 2.03
C ARG D 94 -43.60 32.09 2.59
N PRO D 95 -44.68 32.24 1.84
CA PRO D 95 -45.99 31.76 2.32
C PRO D 95 -46.20 30.29 2.01
N LYS D 96 -47.36 29.76 2.35
CA LYS D 96 -47.73 28.44 1.87
C LYS D 96 -48.08 28.54 0.39
N PRO D 97 -47.63 27.59 -0.44
CA PRO D 97 -47.83 27.71 -1.89
C PRO D 97 -49.27 27.87 -2.33
N GLY D 98 -50.24 27.73 -1.42
CA GLY D 98 -51.63 28.03 -1.72
C GLY D 98 -52.06 29.45 -1.43
N SER D 99 -51.19 30.25 -0.80
CA SER D 99 -51.54 31.63 -0.49
C SER D 99 -51.58 32.46 -1.77
N PRO D 100 -52.55 33.35 -1.92
CA PRO D 100 -52.73 34.05 -3.20
C PRO D 100 -51.99 35.36 -3.32
N ARG D 101 -51.87 36.11 -2.23
CA ARG D 101 -51.23 37.42 -2.23
C ARG D 101 -49.86 37.32 -2.88
N PRO D 102 -49.60 38.06 -3.96
CA PRO D 102 -48.36 37.86 -4.71
C PRO D 102 -47.13 38.15 -3.85
N PHE D 103 -46.20 37.21 -3.85
CA PHE D 103 -44.99 37.30 -3.06
C PHE D 103 -43.82 37.71 -3.94
N PHE D 104 -43.00 38.64 -3.44
CA PHE D 104 -41.88 39.16 -4.19
C PHE D 104 -40.67 39.28 -3.28
N TRP D 105 -39.51 39.47 -3.89
CA TRP D 105 -38.23 39.53 -3.18
C TRP D 105 -37.18 40.03 -4.17
N MET D 106 -36.12 40.65 -3.63
CA MET D 106 -34.88 40.83 -4.38
C MET D 106 -33.68 41.18 -3.51
N PHE D 107 -32.55 40.57 -3.83
CA PHE D 107 -31.22 40.99 -3.45
C PHE D 107 -30.64 41.91 -4.52
N VAL D 108 -29.82 42.87 -4.09
CA VAL D 108 -29.20 43.83 -5.00
C VAL D 108 -27.74 44.00 -4.62
N ASP D 109 -26.89 44.23 -5.63
CA ASP D 109 -25.45 44.06 -5.51
C ASP D 109 -24.75 45.37 -5.82
N ASN D 110 -24.00 45.90 -4.85
CA ASN D 110 -23.20 47.11 -5.05
C ASN D 110 -21.95 46.78 -5.86
N LEU D 111 -22.07 45.84 -6.80
CA LEU D 111 -20.93 45.31 -7.55
C LEU D 111 -19.81 44.88 -6.60
N VAL D 112 -20.19 44.43 -5.40
CA VAL D 112 -19.23 44.04 -4.40
C VAL D 112 -18.78 42.60 -4.56
N LEU D 113 -19.67 41.72 -5.02
CA LEU D 113 -19.34 40.30 -5.10
C LEU D 113 -18.41 40.05 -6.28
N ASN D 114 -17.35 39.30 -6.04
CA ASN D 114 -16.43 38.94 -7.11
C ASN D 114 -17.07 37.87 -7.99
N LYS D 115 -16.34 37.45 -9.04
CA LYS D 115 -16.89 36.49 -9.98
C LYS D 115 -17.28 35.19 -9.29
N GLU D 116 -16.50 34.77 -8.30
CA GLU D 116 -16.82 33.55 -7.57
C GLU D 116 -18.12 33.70 -6.79
N ASP D 117 -18.26 34.79 -6.04
CA ASP D 117 -19.50 35.06 -5.32
C ASP D 117 -20.68 35.30 -6.26
N LEU D 118 -20.41 35.67 -7.51
CA LEU D 118 -21.48 35.92 -8.47
C LEU D 118 -22.29 34.65 -8.73
N ASP D 119 -21.62 33.55 -9.10
CA ASP D 119 -22.33 32.33 -9.44
C ASP D 119 -23.03 31.72 -8.22
N VAL D 120 -22.45 31.88 -7.03
CA VAL D 120 -23.10 31.37 -5.82
C VAL D 120 -24.46 32.04 -5.65
N ALA D 121 -24.52 33.36 -5.85
CA ALA D 121 -25.76 34.09 -5.64
C ALA D 121 -26.85 33.64 -6.62
N SER D 122 -26.48 33.42 -7.88
CA SER D 122 -27.47 33.05 -8.89
C SER D 122 -27.90 31.60 -8.74
N ARG D 123 -26.96 30.72 -8.39
CA ARG D 123 -27.31 29.32 -8.13
C ARG D 123 -28.24 29.19 -6.94
N PHE D 124 -28.09 30.06 -5.93
CA PHE D 124 -28.92 30.01 -4.74
C PHE D 124 -30.27 30.67 -4.93
N LEU D 125 -30.48 31.42 -6.01
CA LEU D 125 -31.76 32.05 -6.29
C LEU D 125 -32.35 31.62 -7.63
N GLU D 126 -31.69 30.69 -8.34
CA GLU D 126 -32.23 30.06 -9.53
C GLU D 126 -32.63 31.08 -10.58
N MET D 127 -31.72 32.03 -10.83
CA MET D 127 -31.96 33.14 -11.74
C MET D 127 -30.64 33.87 -11.95
N GLU D 128 -30.41 34.31 -13.15
CA GLU D 128 -29.22 35.10 -13.34
C GLU D 128 -29.54 36.59 -13.19
N PRO D 129 -28.59 37.42 -12.77
CA PRO D 129 -28.91 38.81 -12.43
C PRO D 129 -29.16 39.66 -13.66
N VAL D 130 -29.64 40.87 -13.41
CA VAL D 130 -29.73 41.92 -14.41
C VAL D 130 -28.94 43.11 -13.90
N THR D 131 -28.13 43.70 -14.78
CA THR D 131 -27.25 44.80 -14.45
C THR D 131 -27.85 46.09 -14.98
N ILE D 132 -28.15 47.02 -14.08
CA ILE D 132 -28.76 48.29 -14.47
C ILE D 132 -27.66 49.31 -14.73
N PRO D 133 -27.86 50.26 -15.66
CA PRO D 133 -26.85 51.31 -15.84
C PRO D 133 -27.31 52.66 -15.30
N ASP D 134 -26.35 53.54 -15.03
CA ASP D 134 -26.62 54.93 -14.64
C ASP D 134 -25.98 55.92 -15.60
N VAL D 135 -25.71 55.50 -16.83
CA VAL D 135 -25.01 56.36 -17.79
C VAL D 135 -25.95 57.42 -18.31
N HIS D 136 -25.49 58.67 -18.29
CA HIS D 136 -26.28 59.80 -18.79
C HIS D 136 -25.45 60.64 -19.75
N LEU D 140 -19.73 53.88 -17.88
CA LEU D 140 -20.72 54.92 -17.67
C LEU D 140 -20.58 55.58 -16.31
N GLN D 141 -21.57 55.38 -15.43
CA GLN D 141 -21.56 55.98 -14.11
C GLN D 141 -21.65 54.85 -13.08
N ASN D 142 -22.83 54.57 -12.55
CA ASN D 142 -23.03 53.55 -11.53
C ASN D 142 -23.82 52.38 -12.10
N ALA D 143 -23.70 51.23 -11.44
CA ALA D 143 -24.37 50.02 -11.90
C ALA D 143 -24.59 49.08 -10.72
N VAL D 144 -25.63 48.25 -10.83
CA VAL D 144 -26.04 47.32 -9.79
C VAL D 144 -26.62 46.08 -10.46
N ARG D 145 -26.22 44.90 -9.97
CA ARG D 145 -26.79 43.62 -10.40
C ARG D 145 -27.85 43.21 -9.38
N VAL D 146 -29.00 42.74 -9.85
CA VAL D 146 -30.16 42.49 -9.00
C VAL D 146 -30.87 41.24 -9.49
N TRP D 147 -31.15 40.30 -8.57
CA TRP D 147 -31.99 39.13 -8.84
C TRP D 147 -33.37 39.37 -8.23
N SER D 148 -34.44 39.07 -8.98
CA SER D 148 -35.77 39.14 -8.37
C SER D 148 -36.85 38.49 -9.24
N ASN D 149 -37.81 37.84 -8.56
CA ASN D 149 -38.99 37.25 -9.18
C ASN D 149 -39.96 38.26 -9.79
N ILE D 150 -39.90 39.52 -9.39
CA ILE D 150 -40.62 40.60 -10.08
C ILE D 150 -40.56 40.35 -11.58
N PRO D 151 -41.70 40.13 -12.26
CA PRO D 151 -41.67 39.87 -13.71
C PRO D 151 -41.37 41.09 -14.57
N ALA D 152 -41.19 42.27 -13.99
CA ALA D 152 -40.94 43.48 -14.76
C ALA D 152 -39.47 43.85 -14.89
N ILE D 153 -38.64 43.48 -13.91
CA ILE D 153 -37.20 43.73 -14.04
C ILE D 153 -36.58 42.77 -15.04
N ARG D 154 -37.12 41.55 -15.16
CA ARG D 154 -36.73 40.67 -16.25
C ARG D 154 -37.35 41.13 -17.57
N SER D 155 -38.59 41.64 -17.50
CA SER D 155 -39.22 42.18 -18.70
C SER D 155 -38.44 43.36 -19.25
N ARG D 156 -38.10 44.32 -18.39
CA ARG D 156 -37.58 45.60 -18.84
C ARG D 156 -36.11 45.45 -19.22
N HIS D 157 -35.82 45.56 -20.52
CA HIS D 157 -34.45 45.65 -20.99
C HIS D 157 -33.93 47.06 -20.76
N TRP D 158 -32.80 47.16 -20.06
CA TRP D 158 -32.09 48.42 -19.91
C TRP D 158 -30.82 48.38 -20.78
N ALA D 159 -30.26 49.57 -21.02
CA ALA D 159 -29.09 49.68 -21.89
C ALA D 159 -27.99 48.73 -21.45
N LEU D 160 -27.47 47.96 -22.41
CA LEU D 160 -26.50 46.92 -22.12
C LEU D 160 -25.13 47.51 -21.83
N VAL D 161 -24.48 46.98 -20.79
CA VAL D 161 -23.16 47.43 -20.35
C VAL D 161 -22.23 46.23 -20.26
N SER D 162 -21.00 46.48 -19.82
CA SER D 162 -19.96 45.48 -19.75
C SER D 162 -19.62 45.17 -18.30
N GLU D 163 -18.86 44.10 -18.11
CA GLU D 163 -18.17 43.87 -16.85
C GLU D 163 -16.78 44.49 -16.83
N GLU D 164 -16.16 44.69 -17.99
CA GLU D 164 -14.87 45.35 -18.09
C GLU D 164 -14.93 46.78 -17.55
N GLU D 165 -15.88 47.57 -18.03
CA GLU D 165 -16.12 48.89 -17.48
C GLU D 165 -16.71 48.81 -16.08
N LEU D 166 -17.46 47.74 -15.79
CA LEU D 166 -17.94 47.53 -14.42
C LEU D 166 -16.79 47.24 -13.48
N SER D 167 -15.82 46.42 -13.91
CA SER D 167 -14.60 46.23 -13.12
C SER D 167 -13.72 47.47 -13.17
N LEU D 168 -13.80 48.25 -14.25
CA LEU D 168 -13.14 49.55 -14.30
C LEU D 168 -13.89 50.61 -13.51
N LEU D 169 -15.11 50.33 -13.08
CA LEU D 169 -15.87 51.26 -12.26
C LEU D 169 -15.63 51.07 -10.77
N ALA D 170 -15.12 49.91 -10.35
CA ALA D 170 -14.99 49.61 -8.93
C ALA D 170 -13.72 50.21 -8.34
N GLN D 171 -12.56 49.94 -8.96
CA GLN D 171 -11.31 50.44 -8.43
C GLN D 171 -11.29 51.95 -8.31
N ASN D 172 -11.98 52.66 -9.23
CA ASN D 172 -12.06 54.11 -9.14
C ASN D 172 -13.05 54.54 -8.07
N LYS D 173 -14.25 53.94 -8.06
CA LYS D 173 -15.25 54.31 -7.08
C LYS D 173 -14.80 53.98 -5.66
N GLN D 174 -13.93 52.98 -5.51
CA GLN D 174 -13.46 52.61 -4.18
C GLN D 174 -12.51 53.66 -3.60
N SER D 175 -11.74 54.33 -4.44
CA SER D 175 -10.69 55.24 -3.98
C SER D 175 -11.30 56.60 -3.63
N SER D 176 -11.74 56.73 -2.38
CA SER D 176 -12.18 58.01 -1.83
C SER D 176 -12.00 58.02 -0.32
N LYS D 181 -23.42 55.71 0.27
CA LYS D 181 -23.41 56.01 -1.15
C LYS D 181 -24.29 55.03 -1.92
N TRP D 182 -25.45 54.71 -1.35
CA TRP D 182 -26.39 53.81 -2.01
C TRP D 182 -27.11 54.55 -3.14
N PRO D 183 -26.93 54.15 -4.39
CA PRO D 183 -27.60 54.84 -5.52
C PRO D 183 -29.00 54.28 -5.78
N THR D 184 -29.96 54.69 -4.95
CA THR D 184 -31.29 54.12 -5.02
C THR D 184 -32.18 54.77 -6.06
N LYS D 185 -31.70 55.79 -6.78
CA LYS D 185 -32.42 56.22 -7.96
C LYS D 185 -32.57 55.07 -8.95
N LEU D 186 -31.53 54.28 -9.10
CA LEU D 186 -31.64 53.04 -9.86
C LEU D 186 -32.55 52.04 -9.16
N VAL D 187 -32.54 52.01 -7.83
CA VAL D 187 -33.35 51.04 -7.09
C VAL D 187 -34.83 51.42 -7.17
N LYS D 188 -35.14 52.69 -6.87
CA LYS D 188 -36.51 53.16 -7.03
C LYS D 188 -37.03 52.90 -8.43
N ASN D 189 -36.22 53.23 -9.44
CA ASN D 189 -36.54 52.87 -10.82
C ASN D 189 -36.74 51.37 -10.97
N CYS D 190 -36.01 50.57 -10.20
CA CYS D 190 -36.13 49.11 -10.26
C CYS D 190 -37.48 48.64 -9.73
N PHE D 191 -37.69 48.74 -8.42
CA PHE D 191 -38.90 48.18 -7.82
C PHE D 191 -40.06 49.16 -7.89
N LEU D 192 -40.07 50.03 -8.90
CA LEU D 192 -41.28 50.80 -9.19
C LEU D 192 -42.45 49.92 -9.60
N PRO D 193 -42.33 49.05 -10.64
CA PRO D 193 -43.48 48.25 -11.09
C PRO D 193 -44.07 47.30 -10.06
N LEU D 194 -43.91 47.60 -8.77
CA LEU D 194 -44.53 46.83 -7.71
C LEU D 194 -45.79 47.47 -7.14
N ARG D 195 -46.30 48.56 -7.75
CA ARG D 195 -47.47 49.29 -7.23
C ARG D 195 -48.78 48.82 -7.81
N GLU D 196 -48.76 48.03 -8.90
CA GLU D 196 -49.99 47.40 -9.36
C GLU D 196 -50.58 46.48 -8.30
N TYR D 197 -49.84 46.18 -7.24
CA TYR D 197 -50.28 45.25 -6.22
C TYR D 197 -50.74 45.91 -4.92
N PHE D 198 -50.35 47.16 -4.66
CA PHE D 198 -50.64 47.78 -3.38
C PHE D 198 -51.04 49.24 -3.59
N LYS D 199 -51.70 49.80 -2.58
CA LYS D 199 -52.24 51.15 -2.67
C LYS D 199 -51.12 52.18 -2.82
N TYR D 200 -51.41 53.22 -3.58
CA TYR D 200 -50.47 54.31 -3.80
C TYR D 200 -50.64 55.37 -2.70
N PHE D 201 -50.03 56.53 -2.91
CA PHE D 201 -50.15 57.67 -1.99
C PHE D 201 -49.75 57.32 -0.56
P PYO E 6 -10.31 18.13 14.73
OP1 PYO E 6 -11.06 19.31 14.40
OP2 PYO E 6 -10.82 17.20 15.75
O5' PYO E 6 -10.05 17.28 13.41
C5' PYO E 6 -9.51 17.89 12.24
C4' PYO E 6 -9.65 16.95 11.06
O4' PYO E 6 -11.04 16.64 10.88
C3' PYO E 6 -9.21 17.48 9.70
C1' PYO E 6 -11.23 16.15 9.58
O3' PYO E 6 -7.82 17.30 9.48
C2' PYO E 6 -10.10 16.71 8.70
O2' PYO E 6 -9.39 15.62 8.13
N1 PYO E 6 -12.57 16.55 9.11
C6 PYO E 6 -12.76 17.57 8.14
C2 PYO E 6 -13.73 15.87 9.69
C5 PYO E 6 -14.15 17.92 7.70
O2 PYO E 6 -13.54 15.00 10.54
N3 PYO E 6 -15.07 16.22 9.27
C4 PYO E 6 -15.30 17.23 8.29
P PYO F 6 13.39 -12.81 -16.13
OP1 PYO F 6 14.68 -13.30 -15.71
OP2 PYO F 6 12.38 -13.76 -16.59
O5' PYO F 6 12.79 -11.95 -14.94
C5' PYO F 6 13.62 -11.17 -14.11
C4' PYO F 6 13.07 -11.05 -12.72
O4' PYO F 6 13.04 -12.34 -12.09
C3' PYO F 6 13.88 -10.18 -11.75
C1' PYO F 6 12.99 -12.17 -10.70
O3' PYO F 6 13.47 -8.83 -11.75
C2' PYO F 6 13.75 -10.87 -10.38
O2' PYO F 6 12.97 -10.10 -9.47
N1 PYO F 6 13.60 -13.34 -10.04
C6 PYO F 6 14.88 -13.27 -9.43
C2 PYO F 6 12.87 -14.60 -10.05
C5 PYO F 6 15.45 -14.49 -8.77
O2 PYO F 6 11.76 -14.64 -10.60
N3 PYO F 6 13.43 -15.79 -9.42
C4 PYO F 6 14.71 -15.75 -8.78
N SAH G . 11.42 -17.23 -3.78
CA SAH G . 11.02 -16.16 -2.87
CB SAH G . 11.86 -14.90 -3.11
CG SAH G . 13.23 -15.10 -3.78
SD SAH G . 13.90 -13.57 -4.48
C SAH G . 9.53 -15.84 -2.99
O SAH G . 8.79 -16.52 -3.69
OXT SAH G . 9.03 -14.89 -2.38
C5' SAH G . 15.44 -13.68 -3.52
C4' SAH G . 15.28 -13.36 -2.04
O4' SAH G . 16.50 -13.63 -1.37
C3' SAH G . 14.94 -11.91 -1.74
O3' SAH G . 13.73 -11.86 -1.04
C2' SAH G . 16.06 -11.40 -0.86
O2' SAH G . 15.60 -10.61 0.20
C1' SAH G . 16.69 -12.68 -0.33
N9 SAH G . 18.11 -12.52 0.00
C8 SAH G . 19.01 -11.72 -0.64
N7 SAH G . 20.22 -11.85 -0.03
C5 SAH G . 20.08 -12.72 1.00
C6 SAH G . 20.99 -13.19 1.94
N6 SAH G . 22.26 -12.80 1.93
N1 SAH G . 20.57 -14.09 2.91
C2 SAH G . 19.25 -14.51 2.92
N3 SAH G . 18.36 -14.02 1.98
C4 SAH G . 18.77 -13.14 1.03
N SAH H . -17.85 11.98 5.17
CA SAH H . -16.96 11.53 4.11
CB SAH H . -15.79 12.49 3.94
CG SAH H . -16.09 13.95 4.28
SD SAH H . -14.63 15.02 4.14
C SAH H . -16.46 10.10 4.38
O SAH H . -15.49 9.64 3.78
OXT SAH H . -17.01 9.37 5.20
C5' SAH H . -15.38 16.08 2.88
C4' SAH H . -15.41 15.49 1.48
O4' SAH H . -16.06 16.38 0.59
C3' SAH H . -14.03 15.23 0.89
O3' SAH H . -13.89 13.85 0.62
C2' SAH H . -14.00 16.00 -0.41
O2' SAH H . -13.46 15.22 -1.46
C1' SAH H . -15.47 16.29 -0.68
N9 SAH H . -15.66 17.53 -1.46
C8 SAH H . -14.92 18.68 -1.36
N7 SAH H . -15.40 19.58 -2.26
C5 SAH H . -16.43 19.01 -2.92
C6 SAH H . -17.27 19.49 -3.93
N6 SAH H . -17.11 20.72 -4.41
N1 SAH H . -18.25 18.68 -4.44
C2 SAH H . -18.40 17.40 -3.95
N3 SAH H . -17.58 16.93 -2.95
C4 SAH H . -16.60 17.73 -2.44
#